data_1KTA
#
_entry.id   1KTA
#
_cell.length_a   69.450
_cell.length_b   105.308
_cell.length_c   107.829
_cell.angle_alpha   90.00
_cell.angle_beta   90.00
_cell.angle_gamma   90.00
#
_symmetry.space_group_name_H-M   'P 21 21 21'
#
loop_
_entity.id
_entity.type
_entity.pdbx_description
1 polymer 'BRANCHED-CHAIN AMINO ACID AMINOTRANSFERASE, MITOCHONDRIAL'
2 non-polymer "4'-DEOXY-4'-AMINOPYRIDOXAL-5'-PHOSPHATE"
3 non-polymer 'ACETIC ACID'
4 non-polymer '3-METHYL-2-OXOBUTANOIC ACID'
5 non-polymer GLYCEROL
6 water water
#
_entity_poly.entity_id   1
_entity_poly.type   'polypeptide(L)'
_entity_poly.pdbx_seq_one_letter_code
;ASSSFKAADLQLEMTQKPHKKPGPGEPLVFGKTFTDHMLMVEWNDKGWGQPRIQPFQNLTLHPASSSLHYSLQLFEGMKA
FKGKDQQVRLFRPWLNMDRMLRSAMRLCLPSFDKLELLECIRRLIEVDKDWVPDAAGTSLYVRPVLIGNEPSLGVSQPRR
ALLFVILCPVGAYFPGGSVTPVSLLADPAFIRAWVGGVGNYKLGGNYGPTVLVQQEALKRGCEQVLWLYGPDHQLTEVGT
MNIFVYWTHEDGVLELVTPPLNGVILPGVVRQSLLDMAQTWGEFRVVERTITMKQLLRALEEGRVREVFGSGTACQVCPV
HRILYKDRNLHIPTMENGPELILRFQKELKEIQYGIRAHEWMFPV
;
_entity_poly.pdbx_strand_id   A,B
#
# COMPACT_ATOMS: atom_id res chain seq x y z
N ALA A 1 18.32 -25.81 -13.24
CA ALA A 1 19.10 -24.55 -13.49
C ALA A 1 18.17 -23.53 -14.13
N SER A 2 17.72 -22.54 -13.34
CA SER A 2 16.79 -21.52 -13.84
C SER A 2 17.00 -20.08 -13.31
N SER A 3 16.24 -19.13 -13.86
CA SER A 3 16.26 -17.74 -13.41
C SER A 3 15.47 -17.69 -12.11
N SER A 4 16.02 -18.40 -11.13
CA SER A 4 15.52 -18.50 -9.77
C SER A 4 16.72 -18.95 -8.98
N PHE A 5 16.76 -18.51 -7.72
CA PHE A 5 17.81 -18.91 -6.84
C PHE A 5 17.55 -20.40 -6.62
N LYS A 6 18.57 -21.12 -6.21
CA LYS A 6 18.47 -22.55 -5.98
C LYS A 6 18.85 -22.90 -4.57
N ALA A 7 18.17 -23.86 -3.97
CA ALA A 7 18.57 -24.24 -2.62
C ALA A 7 20.13 -24.44 -2.45
N ALA A 8 20.94 -23.90 -3.39
CA ALA A 8 22.43 -23.82 -3.42
C ALA A 8 22.76 -22.79 -2.30
N ASP A 9 22.05 -22.96 -1.20
CA ASP A 9 22.12 -22.13 -0.01
C ASP A 9 23.52 -21.67 0.25
N LEU A 10 23.75 -20.42 -0.14
CA LEU A 10 25.05 -19.70 -0.04
C LEU A 10 25.50 -19.77 1.37
N GLN A 11 25.74 -21.02 1.70
CA GLN A 11 26.16 -21.41 3.00
C GLN A 11 25.18 -20.75 3.93
N LEU A 12 25.36 -21.18 5.15
CA LEU A 12 24.61 -20.77 6.26
C LEU A 12 25.65 -20.00 7.05
N GLU A 13 25.21 -18.94 7.70
CA GLU A 13 26.06 -18.22 8.59
C GLU A 13 25.35 -18.47 9.89
N MET A 14 25.83 -19.42 10.66
CA MET A 14 25.20 -19.70 11.92
C MET A 14 25.38 -18.52 12.86
N THR A 15 24.43 -18.31 13.76
CA THR A 15 24.57 -17.19 14.67
C THR A 15 25.65 -17.32 15.75
N GLN A 16 26.25 -16.18 16.08
CA GLN A 16 27.29 -16.07 17.11
C GLN A 16 26.74 -15.31 18.31
N LYS A 17 25.42 -15.35 18.50
CA LYS A 17 24.79 -14.62 19.58
C LYS A 17 23.33 -15.05 19.73
N PRO A 18 23.08 -16.33 19.99
CA PRO A 18 21.73 -16.87 20.15
C PRO A 18 20.83 -16.02 21.05
N HIS A 19 19.58 -15.91 20.67
CA HIS A 19 18.60 -15.18 21.45
C HIS A 19 18.18 -16.16 22.53
N LYS A 20 17.61 -15.64 23.60
CA LYS A 20 17.12 -16.45 24.69
C LYS A 20 15.71 -16.96 24.28
N LYS A 21 15.49 -18.27 24.29
CA LYS A 21 14.19 -18.86 23.91
C LYS A 21 13.08 -18.43 24.89
N PRO A 22 11.86 -18.16 24.38
CA PRO A 22 10.80 -17.75 25.30
C PRO A 22 10.90 -18.53 26.58
N GLY A 23 11.17 -17.81 27.66
CA GLY A 23 11.33 -18.40 28.98
C GLY A 23 10.08 -19.15 29.45
N PRO A 24 10.22 -20.02 30.47
CA PRO A 24 9.13 -20.82 31.06
C PRO A 24 7.88 -20.01 31.32
N GLY A 25 8.07 -18.72 31.60
CA GLY A 25 6.97 -17.82 31.87
C GLY A 25 5.97 -17.74 30.72
N GLU A 26 6.03 -18.74 29.83
CA GLU A 26 5.17 -18.91 28.64
C GLU A 26 4.39 -17.67 28.13
N PRO A 27 5.09 -16.57 27.81
CA PRO A 27 4.30 -15.42 27.32
C PRO A 27 4.42 -15.21 25.81
N LEU A 28 3.91 -16.16 25.02
CA LEU A 28 4.00 -16.02 23.56
C LEU A 28 2.95 -15.08 22.97
N VAL A 29 3.38 -13.87 22.58
CA VAL A 29 2.52 -12.86 21.97
C VAL A 29 2.86 -12.85 20.49
N PHE A 30 1.83 -12.95 19.65
CA PHE A 30 2.02 -13.01 18.18
C PHE A 30 2.94 -11.97 17.55
N GLY A 31 3.93 -12.47 16.81
CA GLY A 31 4.84 -11.64 16.05
C GLY A 31 5.72 -10.65 16.75
N LYS A 32 5.97 -10.90 18.02
CA LYS A 32 6.82 -10.03 18.81
C LYS A 32 8.21 -10.63 19.06
N THR A 33 8.28 -11.96 19.04
CA THR A 33 9.53 -12.66 19.32
C THR A 33 10.03 -13.41 18.11
N PHE A 34 11.29 -13.20 17.79
CA PHE A 34 11.86 -13.82 16.63
C PHE A 34 12.93 -14.85 16.93
N THR A 35 13.09 -15.77 15.99
CA THR A 35 14.11 -16.83 16.16
C THR A 35 15.47 -16.31 15.76
N ASP A 36 16.49 -17.13 15.90
CA ASP A 36 17.89 -16.77 15.62
C ASP A 36 18.32 -16.53 14.18
N HIS A 37 17.68 -17.18 13.22
CA HIS A 37 18.11 -17.01 11.82
C HIS A 37 17.01 -16.54 10.84
N MET A 38 17.44 -16.10 9.67
CA MET A 38 16.52 -15.61 8.65
C MET A 38 17.07 -15.99 7.29
N LEU A 39 16.20 -16.01 6.31
CA LEU A 39 16.61 -16.29 4.95
C LEU A 39 16.65 -14.93 4.24
N MET A 40 17.59 -14.78 3.31
CA MET A 40 17.73 -13.54 2.52
C MET A 40 18.22 -13.89 1.13
N VAL A 41 17.56 -13.33 0.12
CA VAL A 41 17.96 -13.54 -1.26
C VAL A 41 17.80 -12.19 -1.95
N GLU A 42 18.85 -11.76 -2.65
CA GLU A 42 18.79 -10.49 -3.39
C GLU A 42 18.62 -10.69 -4.89
N TRP A 43 17.92 -9.76 -5.55
CA TRP A 43 17.75 -9.86 -7.00
C TRP A 43 18.12 -8.52 -7.64
N ASN A 44 18.74 -8.57 -8.83
CA ASN A 44 19.10 -7.36 -9.57
C ASN A 44 19.19 -7.71 -11.05
N ASP A 45 19.92 -6.86 -11.78
CA ASP A 45 20.15 -7.00 -13.22
C ASP A 45 20.74 -8.37 -13.59
N LYS A 46 21.67 -8.82 -12.76
CA LYS A 46 22.33 -10.09 -12.98
C LYS A 46 21.33 -11.20 -12.64
N GLY A 47 20.27 -10.83 -11.91
CA GLY A 47 19.26 -11.81 -11.53
C GLY A 47 19.32 -12.11 -10.04
N TRP A 48 18.85 -13.30 -9.67
CA TRP A 48 18.87 -13.75 -8.28
C TRP A 48 20.25 -14.15 -7.79
N GLY A 49 20.66 -13.62 -6.63
CA GLY A 49 21.93 -13.99 -6.04
C GLY A 49 21.73 -15.33 -5.32
N GLN A 50 22.70 -15.78 -4.55
CA GLN A 50 22.49 -17.05 -3.87
C GLN A 50 21.74 -16.87 -2.55
N PRO A 51 20.85 -17.82 -2.24
CA PRO A 51 20.07 -17.77 -1.01
C PRO A 51 21.01 -17.81 0.16
N ARG A 52 20.63 -17.19 1.25
CA ARG A 52 21.50 -17.18 2.39
C ARG A 52 20.72 -17.37 3.70
N ILE A 53 21.20 -18.20 4.63
CA ILE A 53 20.55 -18.32 5.94
C ILE A 53 21.55 -17.61 6.80
N GLN A 54 21.14 -16.55 7.45
CA GLN A 54 22.03 -15.74 8.27
C GLN A 54 21.41 -15.40 9.60
N PRO A 55 22.22 -14.89 10.54
CA PRO A 55 21.67 -14.53 11.84
C PRO A 55 20.61 -13.46 11.65
N PHE A 56 19.63 -13.45 12.52
CA PHE A 56 18.58 -12.47 12.46
C PHE A 56 19.29 -11.11 12.54
N GLN A 57 19.04 -10.23 11.56
CA GLN A 57 19.69 -8.90 11.60
C GLN A 57 18.85 -7.87 10.84
N ASN A 58 19.20 -6.59 11.00
CA ASN A 58 18.47 -5.52 10.34
C ASN A 58 18.74 -5.47 8.86
N LEU A 59 17.83 -4.82 8.14
CA LEU A 59 17.97 -4.67 6.72
C LEU A 59 18.66 -3.32 6.46
N THR A 60 19.39 -3.22 5.35
CA THR A 60 20.08 -1.95 4.96
C THR A 60 19.48 -1.58 3.63
N LEU A 61 18.72 -0.49 3.66
CA LEU A 61 18.00 0.00 2.50
C LEU A 61 18.30 1.43 2.10
N HIS A 62 18.48 1.65 0.80
CA HIS A 62 18.71 3.00 0.27
C HIS A 62 17.43 3.81 0.62
N PRO A 63 17.59 5.09 1.04
CA PRO A 63 16.45 5.94 1.39
C PRO A 63 15.40 6.08 0.31
N ALA A 64 15.74 5.87 -0.93
CA ALA A 64 14.75 6.00 -1.99
C ALA A 64 14.15 4.64 -2.36
N SER A 65 14.49 3.60 -1.60
CA SER A 65 13.99 2.24 -1.92
C SER A 65 12.51 2.19 -2.32
N SER A 66 12.20 1.71 -3.50
CA SER A 66 10.79 1.63 -3.88
C SER A 66 9.87 0.93 -2.88
N SER A 67 10.44 0.11 -1.99
CA SER A 67 9.63 -0.58 -0.97
C SER A 67 8.98 0.35 -0.01
N LEU A 68 9.62 1.49 0.21
CA LEU A 68 9.19 2.48 1.16
C LEU A 68 8.44 3.70 0.58
N HIS A 69 8.56 3.97 -0.71
CA HIS A 69 7.86 5.12 -1.29
C HIS A 69 6.59 4.70 -2.00
N TYR A 70 6.66 3.55 -2.68
CA TYR A 70 5.49 3.11 -3.45
C TYR A 70 4.92 1.73 -3.12
N SER A 71 5.16 1.32 -1.88
CA SER A 71 4.64 0.07 -1.36
C SER A 71 4.89 -1.14 -2.29
N LEU A 72 6.10 -1.29 -2.82
CA LEU A 72 6.40 -2.44 -3.66
C LEU A 72 6.81 -3.47 -2.63
N GLN A 73 5.78 -4.05 -1.99
CA GLN A 73 5.94 -4.99 -0.91
C GLN A 73 4.77 -5.97 -0.83
N LEU A 74 5.08 -7.25 -0.56
CA LEU A 74 4.08 -8.29 -0.41
C LEU A 74 4.60 -9.29 0.63
N PHE A 75 3.70 -10.08 1.21
CA PHE A 75 4.17 -11.00 2.21
C PHE A 75 3.29 -12.23 2.26
N GLU A 76 3.74 -13.18 3.05
CA GLU A 76 2.95 -14.40 3.28
C GLU A 76 2.93 -14.76 4.77
N GLY A 77 2.10 -15.74 5.09
CA GLY A 77 1.95 -16.14 6.46
C GLY A 77 1.50 -17.60 6.50
N MET A 78 2.31 -18.43 7.14
CA MET A 78 1.96 -19.86 7.22
C MET A 78 2.57 -20.43 8.48
N LYS A 79 2.13 -21.62 8.86
CA LYS A 79 2.63 -22.22 10.07
C LYS A 79 3.28 -23.59 9.93
N ALA A 80 4.24 -23.84 10.83
CA ALA A 80 4.90 -25.15 10.89
C ALA A 80 4.44 -25.68 12.23
N PHE A 81 4.08 -26.97 12.29
CA PHE A 81 3.56 -27.55 13.53
C PHE A 81 4.45 -28.69 13.97
N LYS A 82 4.70 -28.81 15.27
CA LYS A 82 5.54 -29.90 15.78
C LYS A 82 4.66 -30.94 16.50
N GLY A 83 4.68 -32.18 16.00
CA GLY A 83 3.90 -33.27 16.62
C GLY A 83 4.57 -33.79 17.91
N LYS A 84 3.87 -34.66 18.64
CA LYS A 84 4.45 -35.21 19.87
C LYS A 84 5.62 -36.10 19.46
N ASP A 85 5.47 -36.72 18.29
CA ASP A 85 6.49 -37.56 17.69
C ASP A 85 7.70 -36.67 17.38
N GLN A 86 7.57 -35.39 17.71
CA GLN A 86 8.61 -34.36 17.50
C GLN A 86 8.94 -33.94 16.04
N GLN A 87 8.20 -34.45 15.06
CA GLN A 87 8.48 -34.05 13.68
C GLN A 87 7.77 -32.74 13.39
N VAL A 88 8.44 -31.86 12.65
CA VAL A 88 7.89 -30.57 12.29
C VAL A 88 7.30 -30.66 10.90
N ARG A 89 6.13 -30.06 10.71
CA ARG A 89 5.46 -30.09 9.41
C ARG A 89 4.76 -28.75 9.09
N LEU A 90 4.83 -28.39 7.83
CA LEU A 90 4.20 -27.17 7.30
C LEU A 90 2.82 -27.54 6.72
N PHE A 91 1.82 -26.71 6.99
CA PHE A 91 0.49 -26.92 6.49
C PHE A 91 0.29 -26.33 5.10
N ARG A 92 0.13 -27.21 4.10
CA ARG A 92 -0.15 -26.83 2.67
C ARG A 92 0.65 -25.62 2.20
N PRO A 93 1.97 -25.62 2.43
CA PRO A 93 2.81 -24.50 2.04
C PRO A 93 2.77 -24.12 0.58
N TRP A 94 2.47 -25.09 -0.28
CA TRP A 94 2.40 -24.85 -1.71
C TRP A 94 1.37 -23.76 -2.08
N LEU A 95 0.24 -23.74 -1.38
CA LEU A 95 -0.78 -22.72 -1.65
C LEU A 95 -0.23 -21.31 -1.34
N ASN A 96 0.55 -21.20 -0.26
CA ASN A 96 1.16 -19.93 0.09
C ASN A 96 2.20 -19.55 -0.96
N MET A 97 2.92 -20.52 -1.52
CA MET A 97 3.87 -20.20 -2.55
C MET A 97 3.14 -19.73 -3.81
N ASP A 98 2.08 -20.43 -4.22
CA ASP A 98 1.29 -20.00 -5.38
C ASP A 98 0.80 -18.53 -5.17
N ARG A 99 0.30 -18.24 -3.96
CA ARG A 99 -0.25 -16.90 -3.67
C ARG A 99 0.81 -15.79 -3.69
N MET A 100 1.99 -16.13 -3.16
CA MET A 100 3.10 -15.21 -3.12
C MET A 100 3.56 -14.87 -4.53
N LEU A 101 3.63 -15.86 -5.43
CA LEU A 101 4.04 -15.61 -6.80
C LEU A 101 2.98 -14.78 -7.53
N ARG A 102 1.71 -15.01 -7.22
CA ARG A 102 0.68 -14.18 -7.87
C ARG A 102 0.84 -12.73 -7.40
N SER A 103 1.09 -12.56 -6.11
CA SER A 103 1.27 -11.22 -5.57
C SER A 103 2.46 -10.54 -6.23
N ALA A 104 3.55 -11.29 -6.38
CA ALA A 104 4.74 -10.76 -6.98
C ALA A 104 4.50 -10.25 -8.38
N MET A 105 3.76 -11.02 -9.18
CA MET A 105 3.49 -10.61 -10.54
C MET A 105 2.62 -9.38 -10.63
N ARG A 106 1.70 -9.21 -9.68
CA ARG A 106 0.81 -8.07 -9.68
C ARG A 106 1.58 -6.77 -9.46
N LEU A 107 2.67 -6.90 -8.72
CA LEU A 107 3.52 -5.74 -8.36
C LEU A 107 4.81 -5.69 -9.21
N CYS A 108 4.82 -6.44 -10.29
CA CYS A 108 5.99 -6.42 -11.19
C CYS A 108 7.27 -6.68 -10.45
N LEU A 109 7.24 -7.61 -9.50
CA LEU A 109 8.44 -7.97 -8.76
C LEU A 109 8.92 -9.29 -9.39
N PRO A 110 10.20 -9.61 -9.20
CA PRO A 110 10.74 -10.85 -9.81
C PRO A 110 10.13 -12.18 -9.47
N SER A 111 9.84 -12.95 -10.50
CA SER A 111 9.36 -14.30 -10.32
C SER A 111 10.49 -15.15 -9.70
N PHE A 112 10.11 -16.26 -9.06
CA PHE A 112 11.04 -17.21 -8.46
C PHE A 112 10.42 -18.62 -8.55
N ASP A 113 11.23 -19.63 -8.34
CA ASP A 113 10.72 -21.02 -8.37
C ASP A 113 10.07 -21.37 -7.03
N LYS A 114 8.79 -21.70 -7.04
CA LYS A 114 8.09 -21.98 -5.79
C LYS A 114 8.69 -23.12 -4.97
N LEU A 115 9.10 -24.16 -5.68
CA LEU A 115 9.69 -25.29 -4.99
C LEU A 115 11.05 -24.97 -4.40
N GLU A 116 11.82 -24.08 -5.03
CA GLU A 116 13.12 -23.75 -4.45
C GLU A 116 12.92 -22.93 -3.18
N LEU A 117 11.96 -21.99 -3.22
CA LEU A 117 11.71 -21.19 -2.02
C LEU A 117 11.22 -22.08 -0.90
N LEU A 118 10.34 -23.03 -1.24
CA LEU A 118 9.84 -23.93 -0.20
C LEU A 118 11.01 -24.69 0.46
N GLU A 119 11.91 -25.21 -0.37
CA GLU A 119 13.05 -25.94 0.18
C GLU A 119 13.95 -25.03 1.06
N CYS A 120 14.19 -23.80 0.60
CA CYS A 120 14.99 -22.88 1.39
C CYS A 120 14.28 -22.61 2.71
N ILE A 121 12.94 -22.48 2.70
CA ILE A 121 12.21 -22.25 3.93
C ILE A 121 12.36 -23.49 4.81
N ARG A 122 12.32 -24.64 4.16
CA ARG A 122 12.46 -25.90 4.89
C ARG A 122 13.81 -25.88 5.62
N ARG A 123 14.89 -25.53 4.92
CA ARG A 123 16.23 -25.50 5.50
C ARG A 123 16.31 -24.50 6.64
N LEU A 124 15.65 -23.35 6.45
CA LEU A 124 15.63 -22.34 7.50
C LEU A 124 14.96 -22.86 8.78
N ILE A 125 13.81 -23.47 8.60
CA ILE A 125 13.10 -23.95 9.75
C ILE A 125 13.95 -25.02 10.45
N GLU A 126 14.59 -25.83 9.66
CA GLU A 126 15.45 -26.90 10.18
C GLU A 126 16.52 -26.29 11.10
N VAL A 127 17.21 -25.25 10.62
CA VAL A 127 18.22 -24.60 11.44
C VAL A 127 17.64 -24.15 12.76
N ASP A 128 16.47 -23.52 12.71
CA ASP A 128 15.84 -23.05 13.94
C ASP A 128 14.78 -24.02 14.53
N LYS A 129 14.85 -25.30 14.15
CA LYS A 129 13.86 -26.26 14.66
C LYS A 129 13.60 -26.22 16.16
N ASP A 130 14.63 -25.94 16.97
CA ASP A 130 14.48 -25.87 18.42
C ASP A 130 13.56 -24.76 18.90
N TRP A 131 13.22 -23.83 18.01
CA TRP A 131 12.30 -22.73 18.35
C TRP A 131 10.88 -23.14 18.13
N VAL A 132 10.65 -24.26 17.47
CA VAL A 132 9.27 -24.65 17.22
C VAL A 132 8.61 -25.25 18.47
N PRO A 133 7.68 -24.52 19.08
CA PRO A 133 7.00 -25.01 20.29
C PRO A 133 6.20 -26.28 20.08
N ASP A 134 5.83 -26.95 21.17
CA ASP A 134 5.04 -28.15 21.02
C ASP A 134 3.90 -28.32 22.01
N ALA A 135 3.69 -27.29 22.82
CA ALA A 135 2.59 -27.31 23.76
C ALA A 135 1.37 -27.21 22.85
N ALA A 136 0.24 -27.62 23.40
CA ALA A 136 -1.04 -27.61 22.73
C ALA A 136 -1.38 -26.28 22.06
N GLY A 137 -1.77 -26.35 20.80
CA GLY A 137 -2.16 -25.18 20.03
C GLY A 137 -1.08 -24.15 19.76
N THR A 138 0.20 -24.53 19.83
CA THR A 138 1.29 -23.58 19.55
C THR A 138 1.85 -23.97 18.22
N SER A 139 2.64 -23.08 17.64
CA SER A 139 3.21 -23.32 16.35
C SER A 139 4.32 -22.34 16.03
N LEU A 140 4.94 -22.50 14.85
CA LEU A 140 6.00 -21.60 14.40
C LEU A 140 5.42 -20.85 13.19
N TYR A 141 5.35 -19.52 13.28
CA TYR A 141 4.78 -18.67 12.22
C TYR A 141 5.92 -18.30 11.27
N VAL A 142 5.69 -18.47 9.98
CA VAL A 142 6.68 -18.23 8.96
C VAL A 142 6.22 -16.98 8.15
N ARG A 143 7.11 -16.00 8.04
CA ARG A 143 6.80 -14.75 7.35
C ARG A 143 7.75 -14.41 6.25
N PRO A 144 7.44 -14.87 5.03
CA PRO A 144 8.24 -14.61 3.85
C PRO A 144 7.82 -13.20 3.39
N VAL A 145 8.76 -12.47 2.81
CA VAL A 145 8.47 -11.09 2.35
C VAL A 145 9.26 -10.83 1.08
N LEU A 146 8.66 -10.12 0.12
CA LEU A 146 9.38 -9.77 -1.10
C LEU A 146 9.16 -8.26 -1.27
N ILE A 147 10.24 -7.51 -1.44
CA ILE A 147 10.08 -6.06 -1.62
C ILE A 147 10.90 -5.52 -2.80
N GLY A 148 10.41 -4.42 -3.36
CA GLY A 148 11.11 -3.77 -4.46
C GLY A 148 12.20 -3.06 -3.73
N ASN A 149 13.31 -2.74 -4.40
CA ASN A 149 14.39 -2.13 -3.70
C ASN A 149 15.28 -1.26 -4.60
N GLU A 150 14.67 -0.59 -5.57
CA GLU A 150 15.33 0.31 -6.53
C GLU A 150 15.59 1.62 -5.81
N PRO A 151 16.83 2.15 -5.86
CA PRO A 151 17.13 3.40 -5.18
C PRO A 151 16.76 4.53 -6.19
N SER A 152 15.48 4.57 -6.57
CA SER A 152 14.97 5.52 -7.56
C SER A 152 13.57 5.99 -7.18
N LEU A 153 13.28 7.28 -7.39
CA LEU A 153 11.96 7.81 -7.05
C LEU A 153 10.93 7.64 -8.18
N GLY A 154 11.36 7.15 -9.33
CA GLY A 154 10.38 6.94 -10.39
C GLY A 154 9.43 5.82 -10.00
N VAL A 155 8.15 5.93 -10.33
CA VAL A 155 7.19 4.88 -9.99
C VAL A 155 7.36 3.92 -11.14
N SER A 156 8.05 2.79 -10.93
CA SER A 156 8.27 1.86 -12.05
C SER A 156 8.70 0.46 -11.59
N GLN A 157 8.86 -0.46 -12.54
CA GLN A 157 9.29 -1.83 -12.22
C GLN A 157 10.70 -1.76 -11.64
N PRO A 158 10.89 -2.28 -10.41
CA PRO A 158 12.22 -2.23 -9.81
C PRO A 158 13.17 -3.12 -10.59
N ARG A 159 14.44 -2.76 -10.50
CA ARG A 159 15.51 -3.47 -11.16
C ARG A 159 16.33 -4.15 -10.08
N ARG A 160 15.85 -4.01 -8.84
CA ARG A 160 16.48 -4.59 -7.69
C ARG A 160 15.37 -4.98 -6.71
N ALA A 161 15.43 -6.18 -6.15
CA ALA A 161 14.42 -6.64 -5.18
C ALA A 161 15.08 -7.46 -4.08
N LEU A 162 14.39 -7.60 -2.96
CA LEU A 162 14.93 -8.40 -1.86
C LEU A 162 13.84 -9.33 -1.33
N LEU A 163 14.19 -10.61 -1.17
CA LEU A 163 13.31 -11.60 -0.63
C LEU A 163 13.88 -12.07 0.72
N PHE A 164 13.04 -12.06 1.76
CA PHE A 164 13.52 -12.55 3.03
C PHE A 164 12.43 -13.28 3.81
N VAL A 165 12.87 -14.07 4.77
CA VAL A 165 11.94 -14.84 5.60
C VAL A 165 12.39 -14.82 7.06
N ILE A 166 11.47 -14.53 7.96
CA ILE A 166 11.75 -14.52 9.38
C ILE A 166 10.70 -15.42 10.04
N LEU A 167 11.03 -15.91 11.24
CA LEU A 167 10.18 -16.84 11.99
C LEU A 167 9.79 -16.36 13.38
N CYS A 168 8.58 -16.69 13.80
CA CYS A 168 8.08 -16.30 15.11
C CYS A 168 7.44 -17.48 15.78
N PRO A 169 7.86 -17.79 17.01
CA PRO A 169 7.26 -18.91 17.73
C PRO A 169 5.90 -18.38 18.16
N VAL A 170 4.85 -19.17 18.10
CA VAL A 170 3.59 -18.60 18.48
C VAL A 170 2.80 -19.37 19.54
N GLY A 171 2.23 -18.62 20.49
CA GLY A 171 1.44 -19.20 21.56
C GLY A 171 0.09 -19.66 21.05
N ALA A 172 -0.73 -20.27 21.90
CA ALA A 172 -2.05 -20.73 21.45
C ALA A 172 -2.92 -19.49 21.18
N TYR A 173 -3.88 -19.56 20.23
CA TYR A 173 -4.74 -18.38 20.01
C TYR A 173 -5.60 -18.27 21.28
N PHE A 174 -5.12 -17.46 22.23
CA PHE A 174 -5.75 -17.28 23.56
C PHE A 174 -5.71 -18.62 24.30
N PRO A 175 -4.63 -18.88 25.08
CA PRO A 175 -4.32 -20.07 25.89
C PRO A 175 -5.32 -20.62 26.91
N GLY A 176 -6.40 -21.16 26.37
CA GLY A 176 -7.46 -21.77 27.15
C GLY A 176 -8.13 -22.66 26.11
N GLY A 177 -7.66 -23.90 25.99
CA GLY A 177 -8.19 -24.85 25.01
C GLY A 177 -9.56 -24.64 24.37
N SER A 178 -10.46 -23.92 25.05
CA SER A 178 -11.82 -23.63 24.56
C SER A 178 -11.97 -22.32 23.75
N VAL A 179 -12.43 -22.46 22.50
CA VAL A 179 -12.65 -21.35 21.57
C VAL A 179 -13.49 -20.18 22.08
N THR A 180 -12.88 -19.03 22.23
CA THR A 180 -13.65 -17.89 22.69
C THR A 180 -14.12 -17.08 21.46
N PRO A 181 -15.40 -16.72 21.45
CA PRO A 181 -15.90 -15.96 20.31
C PRO A 181 -15.50 -14.51 20.26
N VAL A 182 -15.59 -13.91 19.05
CA VAL A 182 -15.24 -12.50 18.87
C VAL A 182 -16.42 -11.71 18.41
N SER A 183 -16.36 -10.41 18.63
CA SER A 183 -17.44 -9.51 18.21
C SER A 183 -16.84 -8.70 17.05
N LEU A 184 -17.66 -8.34 16.09
CA LEU A 184 -17.17 -7.62 14.94
C LEU A 184 -17.94 -6.36 14.68
N LEU A 185 -17.23 -5.37 14.18
CA LEU A 185 -17.87 -4.11 13.82
C LEU A 185 -18.12 -4.20 12.28
N ALA A 186 -19.36 -4.00 11.87
CA ALA A 186 -19.75 -4.02 10.47
C ALA A 186 -20.31 -2.63 10.14
N ASP A 187 -19.44 -1.76 9.64
CA ASP A 187 -19.85 -0.40 9.25
C ASP A 187 -19.50 -0.17 7.79
N PRO A 188 -20.49 0.10 6.95
CA PRO A 188 -20.19 0.32 5.53
C PRO A 188 -19.31 1.53 5.18
N ALA A 189 -19.03 2.39 6.15
CA ALA A 189 -18.19 3.53 5.91
C ALA A 189 -16.74 3.18 5.47
N PHE A 190 -16.26 2.00 5.82
CA PHE A 190 -14.87 1.65 5.54
C PHE A 190 -14.79 0.69 4.38
N ILE A 191 -14.01 1.02 3.35
CA ILE A 191 -13.87 0.10 2.21
C ILE A 191 -12.42 -0.33 1.99
N ARG A 192 -12.17 -1.60 2.29
CA ARG A 192 -10.89 -2.26 2.22
C ARG A 192 -10.37 -2.64 0.86
N ALA A 193 -11.29 -3.02 -0.04
CA ALA A 193 -10.83 -3.42 -1.37
C ALA A 193 -12.01 -3.29 -2.33
N TRP A 194 -11.76 -3.38 -3.63
CA TRP A 194 -12.90 -3.19 -4.54
C TRP A 194 -12.72 -4.02 -5.78
N VAL A 195 -13.78 -4.19 -6.50
CA VAL A 195 -13.64 -4.98 -7.71
C VAL A 195 -12.68 -4.27 -8.67
N GLY A 196 -11.73 -5.02 -9.22
CA GLY A 196 -10.74 -4.44 -10.12
C GLY A 196 -9.52 -3.95 -9.34
N GLY A 197 -9.55 -4.12 -8.02
CA GLY A 197 -8.44 -3.67 -7.18
C GLY A 197 -7.45 -4.79 -6.86
N VAL A 198 -6.84 -4.78 -5.69
CA VAL A 198 -5.84 -5.80 -5.30
C VAL A 198 -6.11 -6.54 -3.95
N GLY A 199 -7.38 -6.64 -3.61
CA GLY A 199 -7.77 -7.30 -2.38
C GLY A 199 -7.50 -8.80 -2.41
N ASN A 200 -7.34 -9.36 -3.60
CA ASN A 200 -7.05 -10.78 -3.71
C ASN A 200 -5.55 -11.11 -3.75
N TYR A 201 -4.69 -10.14 -3.35
CA TYR A 201 -3.24 -10.34 -3.30
C TYR A 201 -2.84 -9.91 -1.89
N LYS A 202 -1.82 -10.57 -1.35
CA LYS A 202 -1.41 -10.27 0.00
C LYS A 202 -0.35 -9.20 -0.06
N LEU A 203 -0.80 -7.98 -0.37
CA LEU A 203 0.09 -6.83 -0.49
C LEU A 203 0.01 -6.01 0.78
N GLY A 204 1.16 -5.51 1.23
CA GLY A 204 1.15 -4.70 2.44
C GLY A 204 0.18 -3.52 2.35
N GLY A 205 0.06 -2.90 1.16
CA GLY A 205 -0.84 -1.74 1.00
C GLY A 205 -2.30 -2.01 1.36
N ASN A 206 -2.71 -3.29 1.33
CA ASN A 206 -4.07 -3.62 1.73
C ASN A 206 -4.27 -3.43 3.26
N TYR A 207 -3.21 -3.54 4.03
CA TYR A 207 -3.31 -3.54 5.50
C TYR A 207 -3.16 -2.22 6.23
N GLY A 208 -2.24 -1.41 5.72
CA GLY A 208 -2.01 -0.11 6.38
C GLY A 208 -3.27 0.69 6.69
N PRO A 209 -4.16 0.83 5.71
CA PRO A 209 -5.39 1.59 5.95
C PRO A 209 -6.35 0.98 6.95
N THR A 210 -6.14 -0.28 7.36
CA THR A 210 -7.07 -0.86 8.31
C THR A 210 -6.74 -0.53 9.77
N VAL A 211 -5.54 0.01 9.98
CA VAL A 211 -5.15 0.29 11.36
C VAL A 211 -6.14 1.21 12.09
N LEU A 212 -6.51 2.28 11.43
CA LEU A 212 -7.43 3.25 12.03
C LEU A 212 -8.79 2.62 12.25
N VAL A 213 -9.22 1.81 11.29
CA VAL A 213 -10.52 1.22 11.38
C VAL A 213 -10.61 0.21 12.52
N GLN A 214 -9.55 -0.55 12.70
CA GLN A 214 -9.51 -1.53 13.79
C GLN A 214 -9.51 -0.74 15.10
N GLN A 215 -8.84 0.41 15.14
CA GLN A 215 -8.92 1.21 16.38
C GLN A 215 -10.36 1.62 16.69
N GLU A 216 -11.12 2.03 15.69
CA GLU A 216 -12.50 2.41 15.87
C GLU A 216 -13.31 1.24 16.43
N ALA A 217 -13.13 0.06 15.83
CA ALA A 217 -13.83 -1.15 16.26
C ALA A 217 -13.64 -1.31 17.79
N LEU A 218 -12.41 -1.14 18.25
CA LEU A 218 -12.14 -1.25 19.69
C LEU A 218 -12.88 -0.17 20.43
N LYS A 219 -12.69 1.05 19.99
CA LYS A 219 -13.33 2.21 20.58
C LYS A 219 -14.83 1.94 20.69
N ARG A 220 -15.40 1.16 19.75
CA ARG A 220 -16.83 0.87 19.81
C ARG A 220 -17.19 -0.45 20.49
N GLY A 221 -16.22 -1.05 21.17
CA GLY A 221 -16.48 -2.28 21.90
C GLY A 221 -16.44 -3.57 21.11
N CYS A 222 -15.92 -3.52 19.89
CA CYS A 222 -15.85 -4.72 19.08
C CYS A 222 -14.41 -5.14 19.01
N GLU A 223 -14.16 -6.39 18.67
CA GLU A 223 -12.79 -6.90 18.60
C GLU A 223 -12.11 -6.91 17.23
N GLN A 224 -12.91 -7.06 16.18
CA GLN A 224 -12.37 -7.08 14.82
C GLN A 224 -13.37 -6.45 13.91
N VAL A 225 -12.98 -6.29 12.65
CA VAL A 225 -13.81 -5.63 11.65
C VAL A 225 -14.32 -6.63 10.61
N LEU A 226 -15.61 -6.58 10.35
CA LEU A 226 -16.26 -7.40 9.32
C LEU A 226 -16.36 -6.32 8.20
N TRP A 227 -15.60 -6.51 7.14
CA TRP A 227 -15.57 -5.57 6.02
C TRP A 227 -16.75 -5.77 5.07
N LEU A 228 -17.51 -4.70 4.84
CA LEU A 228 -18.68 -4.78 3.97
C LEU A 228 -18.33 -4.15 2.62
N TYR A 229 -19.07 -4.52 1.59
CA TYR A 229 -18.79 -3.99 0.26
C TYR A 229 -20.08 -3.80 -0.51
N GLY A 230 -20.16 -2.71 -1.25
CA GLY A 230 -21.35 -2.47 -2.07
C GLY A 230 -22.55 -1.83 -1.41
N PRO A 231 -23.51 -1.31 -2.21
CA PRO A 231 -24.74 -0.66 -1.72
C PRO A 231 -25.51 -1.75 -1.03
N ASP A 232 -25.21 -2.95 -1.48
CA ASP A 232 -25.84 -4.16 -0.98
C ASP A 232 -25.21 -4.62 0.39
N HIS A 233 -24.15 -3.97 0.84
CA HIS A 233 -23.51 -4.38 2.12
C HIS A 233 -23.22 -5.88 2.16
N GLN A 234 -22.45 -6.35 1.18
CA GLN A 234 -22.09 -7.75 1.15
C GLN A 234 -20.99 -8.00 2.19
N LEU A 235 -21.03 -9.14 2.86
CA LEU A 235 -19.98 -9.51 3.81
C LEU A 235 -18.77 -10.00 2.97
N THR A 236 -17.58 -9.44 3.17
CA THR A 236 -16.43 -9.90 2.42
C THR A 236 -15.50 -10.77 3.21
N GLU A 237 -14.78 -10.18 4.15
CA GLU A 237 -13.86 -10.94 4.99
C GLU A 237 -13.78 -10.18 6.31
N VAL A 238 -13.33 -10.86 7.36
CA VAL A 238 -13.35 -10.30 8.69
C VAL A 238 -12.02 -10.14 9.30
N GLY A 239 -11.47 -8.93 9.22
CA GLY A 239 -10.18 -8.65 9.81
C GLY A 239 -9.08 -9.16 8.93
N THR A 240 -8.49 -10.27 9.34
CA THR A 240 -7.45 -10.97 8.64
C THR A 240 -7.93 -12.43 8.55
N MET A 241 -9.20 -12.60 8.22
CA MET A 241 -9.78 -13.96 8.12
C MET A 241 -10.92 -13.91 7.12
N ASN A 242 -11.14 -15.05 6.47
CA ASN A 242 -12.30 -15.16 5.59
C ASN A 242 -13.47 -15.46 6.51
N ILE A 243 -14.67 -15.19 6.05
CA ILE A 243 -15.85 -15.39 6.82
C ILE A 243 -16.74 -16.51 6.26
N PHE A 244 -17.32 -17.27 7.19
CA PHE A 244 -18.21 -18.43 6.83
C PHE A 244 -19.48 -18.32 7.64
N VAL A 245 -20.57 -18.76 7.04
CA VAL A 245 -21.88 -18.79 7.69
C VAL A 245 -22.49 -20.21 7.44
N TYR A 246 -22.92 -20.84 8.52
CA TYR A 246 -23.56 -22.16 8.50
C TYR A 246 -25.01 -21.87 8.91
N TRP A 247 -25.93 -22.19 8.01
CA TRP A 247 -27.35 -21.90 8.26
C TRP A 247 -28.27 -22.66 7.28
N THR A 248 -29.57 -22.54 7.50
CA THR A 248 -30.53 -23.11 6.56
C THR A 248 -30.83 -21.89 5.68
N HIS A 249 -30.52 -21.98 4.41
CA HIS A 249 -30.73 -20.85 3.53
C HIS A 249 -32.22 -20.51 3.31
N GLU A 250 -32.49 -19.68 2.30
CA GLU A 250 -33.85 -19.24 2.00
C GLU A 250 -34.70 -20.26 1.26
N ASP A 251 -34.16 -21.45 1.12
CA ASP A 251 -34.87 -22.50 0.44
C ASP A 251 -35.08 -23.64 1.43
N GLY A 252 -34.70 -23.38 2.68
CA GLY A 252 -34.80 -24.38 3.72
C GLY A 252 -33.72 -25.46 3.59
N VAL A 253 -32.68 -25.29 2.75
CA VAL A 253 -31.60 -26.27 2.59
C VAL A 253 -30.39 -25.87 3.44
N LEU A 254 -29.96 -26.75 4.35
CA LEU A 254 -28.83 -26.50 5.28
C LEU A 254 -27.55 -26.27 4.51
N GLU A 255 -26.79 -25.21 4.84
CA GLU A 255 -25.59 -25.06 4.05
C GLU A 255 -24.49 -24.23 4.67
N LEU A 256 -23.29 -24.44 4.14
CA LEU A 256 -22.08 -23.68 4.58
C LEU A 256 -21.77 -22.78 3.38
N VAL A 257 -21.72 -21.47 3.60
CA VAL A 257 -21.47 -20.56 2.51
C VAL A 257 -20.38 -19.56 2.90
N THR A 258 -19.61 -19.15 1.90
CA THR A 258 -18.55 -18.18 2.14
C THR A 258 -18.50 -17.31 0.87
N PRO A 259 -18.13 -16.02 1.03
CA PRO A 259 -18.07 -15.17 -0.17
C PRO A 259 -17.19 -15.76 -1.25
N PRO A 260 -17.56 -15.59 -2.54
CA PRO A 260 -16.73 -16.15 -3.62
C PRO A 260 -15.41 -15.38 -3.92
N LEU A 261 -14.48 -15.99 -4.64
CA LEU A 261 -13.24 -15.32 -4.97
C LEU A 261 -13.50 -14.45 -6.17
N ASN A 262 -14.10 -13.29 -5.91
CA ASN A 262 -14.47 -12.34 -6.96
C ASN A 262 -13.44 -11.26 -7.13
N GLY A 263 -12.32 -11.34 -6.43
CA GLY A 263 -11.28 -10.34 -6.59
C GLY A 263 -11.20 -9.36 -5.41
N VAL A 264 -12.24 -9.33 -4.60
CA VAL A 264 -12.27 -8.41 -3.46
C VAL A 264 -11.62 -9.03 -2.23
N ILE A 265 -11.70 -10.34 -2.10
CA ILE A 265 -11.13 -11.00 -0.92
C ILE A 265 -9.93 -11.89 -1.18
N LEU A 266 -9.19 -12.09 -0.11
CA LEU A 266 -8.01 -12.90 -0.20
C LEU A 266 -8.33 -14.40 -0.22
N PRO A 267 -7.73 -15.15 -1.16
CA PRO A 267 -8.03 -16.61 -1.20
C PRO A 267 -7.28 -17.33 -0.06
N GLY A 268 -7.92 -17.40 1.12
CA GLY A 268 -7.30 -17.99 2.27
C GLY A 268 -7.05 -19.47 2.13
N VAL A 269 -5.89 -19.89 2.62
CA VAL A 269 -5.52 -21.32 2.59
C VAL A 269 -6.44 -22.13 3.53
N VAL A 270 -6.75 -21.56 4.71
CA VAL A 270 -7.63 -22.26 5.63
C VAL A 270 -9.03 -22.35 5.02
N ARG A 271 -9.50 -21.23 4.46
CA ARG A 271 -10.80 -21.14 3.79
C ARG A 271 -10.93 -22.30 2.75
N GLN A 272 -9.94 -22.39 1.90
CA GLN A 272 -9.97 -23.41 0.86
C GLN A 272 -9.99 -24.79 1.52
N SER A 273 -9.25 -24.92 2.62
CA SER A 273 -9.21 -26.18 3.32
C SER A 273 -10.56 -26.58 3.94
N LEU A 274 -11.28 -25.61 4.50
CA LEU A 274 -12.57 -25.89 5.12
C LEU A 274 -13.56 -26.28 4.01
N LEU A 275 -13.52 -25.56 2.90
CA LEU A 275 -14.37 -25.92 1.77
C LEU A 275 -14.10 -27.38 1.32
N ASP A 276 -12.84 -27.69 1.13
CA ASP A 276 -12.40 -29.03 0.71
C ASP A 276 -12.92 -30.14 1.66
N MET A 277 -12.67 -29.91 2.94
CA MET A 277 -13.07 -30.83 3.99
C MET A 277 -14.61 -31.03 4.00
N ALA A 278 -15.36 -29.94 4.02
CA ALA A 278 -16.82 -29.99 4.07
C ALA A 278 -17.36 -30.64 2.80
N GLN A 279 -16.72 -30.29 1.70
CA GLN A 279 -17.01 -30.80 0.40
C GLN A 279 -16.91 -32.33 0.46
N THR A 280 -15.77 -32.83 0.93
CA THR A 280 -15.47 -34.27 1.10
C THR A 280 -16.49 -35.02 1.97
N TRP A 281 -16.86 -34.48 3.13
CA TRP A 281 -17.85 -35.14 3.98
C TRP A 281 -19.13 -35.43 3.21
N GLY A 282 -19.60 -34.46 2.44
CA GLY A 282 -20.80 -34.64 1.66
C GLY A 282 -22.04 -34.77 2.50
N GLU A 283 -22.08 -34.07 3.63
CA GLU A 283 -23.24 -34.17 4.52
C GLU A 283 -24.19 -33.00 4.39
N PHE A 284 -23.76 -31.94 3.71
CA PHE A 284 -24.57 -30.75 3.50
C PHE A 284 -24.04 -29.93 2.34
N ARG A 285 -24.84 -29.00 1.89
CA ARG A 285 -24.48 -28.19 0.76
C ARG A 285 -23.32 -27.24 1.15
N VAL A 286 -22.33 -27.16 0.27
CA VAL A 286 -21.17 -26.29 0.50
C VAL A 286 -21.08 -25.36 -0.73
N VAL A 287 -21.24 -24.04 -0.51
CA VAL A 287 -21.19 -23.10 -1.65
C VAL A 287 -20.42 -21.77 -1.47
N GLU A 288 -19.94 -21.23 -2.58
CA GLU A 288 -19.26 -19.92 -2.62
C GLU A 288 -20.31 -19.05 -3.29
N ARG A 289 -20.84 -18.13 -2.51
CA ARG A 289 -21.87 -17.22 -2.95
C ARG A 289 -21.86 -15.94 -2.14
N THR A 290 -22.36 -14.86 -2.74
CA THR A 290 -22.48 -13.57 -2.08
C THR A 290 -23.37 -13.70 -0.83
N ILE A 291 -23.01 -13.00 0.24
CA ILE A 291 -23.83 -13.01 1.46
C ILE A 291 -24.06 -11.55 1.79
N THR A 292 -25.31 -11.14 1.99
CA THR A 292 -25.57 -9.74 2.32
C THR A 292 -26.01 -9.51 3.76
N MET A 293 -25.86 -8.30 4.25
CA MET A 293 -26.35 -8.06 5.62
C MET A 293 -27.87 -8.31 5.66
N LYS A 294 -28.58 -7.86 4.62
CA LYS A 294 -30.01 -8.10 4.59
C LYS A 294 -30.34 -9.61 4.78
N GLN A 295 -29.64 -10.50 4.09
CA GLN A 295 -29.92 -11.91 4.22
C GLN A 295 -29.58 -12.42 5.62
N LEU A 296 -28.49 -11.89 6.20
CA LEU A 296 -28.08 -12.35 7.53
C LEU A 296 -29.12 -11.91 8.55
N LEU A 297 -29.50 -10.65 8.44
CA LEU A 297 -30.52 -10.08 9.34
C LEU A 297 -31.80 -10.92 9.26
N ARG A 298 -32.31 -11.11 8.05
CA ARG A 298 -33.51 -11.90 7.79
C ARG A 298 -33.34 -13.34 8.29
N ALA A 299 -32.11 -13.88 8.26
CA ALA A 299 -31.88 -15.27 8.71
C ALA A 299 -31.76 -15.34 10.23
N LEU A 300 -31.22 -14.29 10.82
CA LEU A 300 -31.06 -14.27 12.25
C LEU A 300 -32.42 -14.14 12.93
N GLU A 301 -33.42 -13.79 12.15
CA GLU A 301 -34.77 -13.59 12.68
C GLU A 301 -35.76 -14.56 12.06
N GLU A 302 -35.23 -15.54 11.37
CA GLU A 302 -36.02 -16.59 10.78
C GLU A 302 -35.44 -17.77 11.56
N GLY A 303 -34.45 -17.44 12.40
CA GLY A 303 -33.74 -18.38 13.25
C GLY A 303 -33.05 -19.49 12.50
N ARG A 304 -32.53 -19.17 11.32
CA ARG A 304 -31.88 -20.19 10.51
C ARG A 304 -30.37 -20.26 10.67
N VAL A 305 -29.78 -19.29 11.38
CA VAL A 305 -28.33 -19.29 11.56
C VAL A 305 -27.83 -20.17 12.71
N ARG A 306 -26.89 -21.06 12.40
CA ARG A 306 -26.31 -21.94 13.40
C ARG A 306 -24.98 -21.44 13.91
N GLU A 307 -24.06 -21.19 12.99
CA GLU A 307 -22.73 -20.75 13.35
C GLU A 307 -22.17 -19.81 12.29
N VAL A 308 -21.38 -18.83 12.74
CA VAL A 308 -20.70 -17.90 11.90
C VAL A 308 -19.28 -17.92 12.44
N PHE A 309 -18.29 -17.99 11.56
CA PHE A 309 -16.90 -17.96 12.01
C PHE A 309 -15.91 -17.40 10.97
N GLY A 310 -14.74 -16.96 11.46
CA GLY A 310 -13.69 -16.50 10.55
C GLY A 310 -12.69 -17.68 10.41
N SER A 311 -11.93 -17.68 9.34
CA SER A 311 -10.92 -18.70 9.14
C SER A 311 -9.64 -18.02 8.75
N GLY A 312 -8.51 -18.46 9.28
CA GLY A 312 -7.28 -17.82 8.91
C GLY A 312 -6.14 -18.54 9.60
N THR A 313 -4.91 -18.30 9.17
CA THR A 313 -3.75 -18.97 9.77
C THR A 313 -3.59 -18.68 11.28
N ALA A 314 -3.83 -17.44 11.69
CA ALA A 314 -3.70 -17.03 13.10
C ALA A 314 -4.71 -17.73 13.95
N CYS A 315 -5.96 -17.72 13.48
CA CYS A 315 -7.03 -18.34 14.22
C CYS A 315 -7.82 -19.11 13.18
N GLN A 316 -7.40 -20.35 12.99
CA GLN A 316 -8.00 -21.22 12.00
C GLN A 316 -9.50 -21.25 11.96
N VAL A 317 -10.18 -21.54 13.06
CA VAL A 317 -11.65 -21.45 12.99
C VAL A 317 -12.05 -20.65 14.24
N CYS A 318 -12.53 -19.44 14.00
CA CYS A 318 -12.83 -18.44 15.03
C CYS A 318 -14.32 -18.13 15.18
N PRO A 319 -14.96 -18.64 16.27
CA PRO A 319 -16.39 -18.30 16.36
C PRO A 319 -16.70 -16.84 16.55
N VAL A 320 -17.88 -16.43 16.05
CA VAL A 320 -18.38 -15.09 16.14
C VAL A 320 -19.68 -15.11 16.92
N HIS A 321 -19.79 -14.25 17.93
CA HIS A 321 -21.02 -14.22 18.69
C HIS A 321 -21.77 -12.91 18.57
N ARG A 322 -21.14 -11.89 18.01
CA ARG A 322 -21.86 -10.62 17.93
C ARG A 322 -21.37 -9.78 16.77
N ILE A 323 -22.28 -9.08 16.12
CA ILE A 323 -21.91 -8.19 15.04
C ILE A 323 -22.61 -6.88 15.28
N LEU A 324 -21.85 -5.79 15.34
CA LEU A 324 -22.50 -4.49 15.58
C LEU A 324 -22.65 -3.84 14.21
N TYR A 325 -23.89 -3.73 13.77
CA TYR A 325 -24.23 -3.17 12.45
C TYR A 325 -25.21 -2.01 12.63
N LYS A 326 -24.78 -0.78 12.38
CA LYS A 326 -25.73 0.35 12.52
C LYS A 326 -26.15 0.60 13.98
N ASP A 327 -25.23 0.64 14.93
CA ASP A 327 -25.78 0.84 16.27
C ASP A 327 -26.67 -0.37 16.68
N ARG A 328 -26.82 -1.36 15.81
CA ARG A 328 -27.65 -2.50 16.14
C ARG A 328 -26.74 -3.71 16.53
N ASN A 329 -26.89 -4.25 17.74
CA ASN A 329 -26.06 -5.39 18.09
C ASN A 329 -26.81 -6.63 17.71
N LEU A 330 -26.25 -7.43 16.81
CA LEU A 330 -26.93 -8.65 16.42
C LEU A 330 -26.26 -9.76 17.20
N HIS A 331 -27.05 -10.54 17.90
CA HIS A 331 -26.48 -11.65 18.62
C HIS A 331 -26.39 -12.79 17.63
N ILE A 332 -25.21 -13.40 17.59
CA ILE A 332 -25.00 -14.54 16.72
C ILE A 332 -24.95 -15.76 17.63
N PRO A 333 -25.91 -16.66 17.45
CA PRO A 333 -26.09 -17.90 18.21
C PRO A 333 -25.05 -18.99 18.01
N THR A 334 -23.84 -18.63 17.59
CA THR A 334 -22.81 -19.62 17.35
C THR A 334 -22.54 -20.56 18.52
N MET A 335 -22.15 -20.02 19.66
CA MET A 335 -21.84 -20.82 20.84
C MET A 335 -23.04 -21.64 21.39
N GLU A 336 -24.28 -21.22 21.12
CA GLU A 336 -25.38 -22.02 21.64
C GLU A 336 -25.68 -23.21 20.76
N ASN A 337 -25.06 -23.25 19.60
CA ASN A 337 -25.22 -24.37 18.70
C ASN A 337 -23.95 -25.20 18.89
N GLY A 338 -23.43 -25.04 20.13
CA GLY A 338 -22.22 -25.66 20.68
C GLY A 338 -21.33 -25.92 19.54
N PRO A 339 -20.80 -24.86 18.88
CA PRO A 339 -19.94 -24.67 17.70
C PRO A 339 -19.72 -26.08 17.19
N GLU A 340 -20.82 -26.76 16.90
CA GLU A 340 -20.72 -28.12 16.44
C GLU A 340 -19.84 -28.23 15.19
N LEU A 341 -20.11 -27.44 14.18
CA LEU A 341 -19.28 -27.51 12.96
C LEU A 341 -17.88 -26.96 13.24
N ILE A 342 -17.81 -25.81 13.92
CA ILE A 342 -16.50 -25.26 14.24
C ILE A 342 -15.67 -26.30 14.97
N LEU A 343 -16.25 -26.96 15.98
CA LEU A 343 -15.53 -27.98 16.76
C LEU A 343 -15.05 -29.13 15.88
N ARG A 344 -15.92 -29.60 14.99
CA ARG A 344 -15.52 -30.68 14.11
C ARG A 344 -14.32 -30.24 13.20
N PHE A 345 -14.37 -29.02 12.63
CA PHE A 345 -13.26 -28.56 11.82
C PHE A 345 -12.00 -28.44 12.67
N GLN A 346 -12.12 -27.88 13.86
CA GLN A 346 -10.93 -27.75 14.72
C GLN A 346 -10.34 -29.13 15.00
N LYS A 347 -11.24 -30.05 15.33
CA LYS A 347 -10.78 -31.41 15.59
C LYS A 347 -10.01 -32.00 14.42
N GLU A 348 -10.59 -31.92 13.23
CA GLU A 348 -9.93 -32.48 12.05
C GLU A 348 -8.59 -31.80 11.73
N LEU A 349 -8.56 -30.46 11.78
CA LEU A 349 -7.33 -29.77 11.48
C LEU A 349 -6.19 -30.10 12.44
N LYS A 350 -6.51 -30.19 13.73
CA LYS A 350 -5.49 -30.51 14.75
C LYS A 350 -4.89 -31.90 14.45
N GLU A 351 -5.75 -32.88 14.19
CA GLU A 351 -5.26 -34.22 13.87
C GLU A 351 -4.38 -34.25 12.63
N ILE A 352 -4.72 -33.45 11.64
CA ILE A 352 -3.91 -33.39 10.44
C ILE A 352 -2.60 -32.62 10.70
N GLN A 353 -2.71 -31.42 11.26
CA GLN A 353 -1.53 -30.61 11.47
C GLN A 353 -0.50 -31.17 12.44
N TYR A 354 -0.94 -31.80 13.53
CA TYR A 354 0.04 -32.31 14.47
C TYR A 354 0.51 -33.76 14.19
N GLY A 355 0.32 -34.22 12.96
CA GLY A 355 0.78 -35.54 12.56
C GLY A 355 0.11 -36.77 13.17
N ILE A 356 -1.06 -36.61 13.79
CA ILE A 356 -1.66 -37.80 14.37
C ILE A 356 -2.31 -38.65 13.31
N ARG A 357 -2.61 -38.06 12.16
CA ARG A 357 -3.12 -38.84 11.05
C ARG A 357 -2.47 -38.30 9.79
N ALA A 358 -1.79 -39.20 9.07
CA ALA A 358 -1.09 -38.91 7.82
C ALA A 358 -1.98 -38.19 6.83
N HIS A 359 -1.39 -37.22 6.14
CA HIS A 359 -2.13 -36.46 5.19
C HIS A 359 -1.24 -35.77 4.15
N GLU A 360 -1.72 -35.75 2.91
CA GLU A 360 -0.98 -35.11 1.84
C GLU A 360 -0.91 -33.58 2.02
N TRP A 361 -1.74 -33.01 2.88
CA TRP A 361 -1.72 -31.54 3.10
C TRP A 361 -0.46 -31.08 3.87
N MET A 362 0.17 -32.01 4.59
CA MET A 362 1.34 -31.68 5.38
C MET A 362 2.67 -31.89 4.64
N PHE A 363 3.58 -30.95 4.83
CA PHE A 363 4.91 -30.96 4.20
C PHE A 363 5.95 -31.14 5.31
N PRO A 364 6.67 -32.28 5.29
CA PRO A 364 7.68 -32.61 6.30
C PRO A 364 8.90 -31.73 6.56
N VAL A 365 9.11 -31.51 7.85
CA VAL A 365 10.20 -30.76 8.46
C VAL A 365 10.46 -29.44 7.81
N ALA B 1 -4.44 16.83 17.09
CA ALA B 1 -3.35 16.01 17.71
C ALA B 1 -2.56 16.82 18.74
N SER B 2 -1.40 16.29 19.16
CA SER B 2 -0.49 16.95 20.12
C SER B 2 0.80 17.45 19.40
N SER B 3 1.72 18.08 20.14
CA SER B 3 2.93 18.61 19.50
C SER B 3 4.34 18.16 19.94
N SER B 4 5.31 18.39 19.04
CA SER B 4 6.67 18.04 19.28
C SER B 4 7.62 18.28 18.08
N PHE B 5 8.89 17.97 18.32
CA PHE B 5 10.04 18.11 17.42
C PHE B 5 10.20 19.56 16.90
N LYS B 6 11.40 20.10 17.15
CA LYS B 6 11.69 21.52 16.87
C LYS B 6 12.91 22.06 16.14
N ALA B 7 12.83 23.37 15.89
CA ALA B 7 13.80 24.21 15.21
C ALA B 7 15.26 23.90 15.53
N ALA B 8 15.63 24.15 16.78
CA ALA B 8 16.98 23.84 17.26
C ALA B 8 17.13 22.29 17.23
N ASP B 9 17.88 21.79 16.25
CA ASP B 9 18.06 20.38 16.11
C ASP B 9 19.46 19.82 16.26
N LEU B 10 19.50 18.55 16.66
CA LEU B 10 20.70 17.72 16.90
C LEU B 10 21.77 17.82 15.82
N GLN B 11 22.03 19.05 15.44
CA GLN B 11 23.06 19.41 14.49
C GLN B 11 23.02 18.91 13.10
N LEU B 12 24.14 19.27 12.49
CA LEU B 12 24.48 19.02 11.13
C LEU B 12 25.76 18.17 11.13
N GLU B 13 25.84 17.27 10.18
CA GLU B 13 27.01 16.45 9.98
C GLU B 13 27.17 16.60 8.48
N MET B 14 28.22 17.29 8.05
CA MET B 14 28.42 17.51 6.63
C MET B 14 29.14 16.33 5.94
N THR B 15 28.91 16.19 4.63
CA THR B 15 29.54 15.13 3.87
C THR B 15 31.05 15.31 3.71
N GLN B 16 31.71 14.18 3.58
CA GLN B 16 33.13 14.17 3.44
C GLN B 16 33.47 13.85 2.00
N LYS B 17 32.46 13.57 1.21
CA LYS B 17 32.74 13.26 -0.18
C LYS B 17 31.57 13.76 -1.00
N PRO B 18 31.51 15.09 -1.14
CA PRO B 18 30.44 15.73 -1.90
C PRO B 18 30.47 15.14 -3.31
N HIS B 19 29.32 14.63 -3.75
CA HIS B 19 29.26 14.01 -5.06
C HIS B 19 29.29 15.04 -6.20
N LYS B 20 29.73 14.59 -7.37
CA LYS B 20 29.85 15.46 -8.53
C LYS B 20 28.46 15.77 -9.02
N LYS B 21 28.17 17.04 -9.30
CA LYS B 21 26.82 17.39 -9.72
C LYS B 21 26.52 17.17 -11.20
N PRO B 22 25.23 16.94 -11.53
CA PRO B 22 24.94 16.72 -12.95
C PRO B 22 25.67 17.75 -13.81
N GLY B 23 25.87 17.44 -15.09
CA GLY B 23 26.53 18.37 -15.99
C GLY B 23 25.56 19.09 -16.94
N PRO B 24 25.90 20.30 -17.42
CA PRO B 24 24.99 21.01 -18.31
C PRO B 24 24.38 20.17 -19.44
N GLY B 25 23.04 20.24 -19.54
CA GLY B 25 22.26 19.56 -20.57
C GLY B 25 22.12 18.04 -20.67
N GLU B 26 23.16 17.28 -20.28
CA GLU B 26 23.12 15.80 -20.39
C GLU B 26 22.26 14.98 -19.40
N PRO B 27 22.69 14.93 -18.13
CA PRO B 27 22.19 14.25 -16.92
C PRO B 27 20.76 13.75 -16.63
N LEU B 28 20.53 13.80 -15.32
CA LEU B 28 19.36 13.42 -14.56
C LEU B 28 18.06 12.90 -15.14
N VAL B 29 17.81 11.61 -14.92
CA VAL B 29 16.52 11.04 -15.30
C VAL B 29 15.90 11.39 -13.95
N PHE B 30 14.60 11.62 -13.90
CA PHE B 30 14.00 11.99 -12.61
C PHE B 30 14.11 10.91 -11.52
N GLY B 31 14.45 11.32 -10.31
CA GLY B 31 14.56 10.43 -9.17
C GLY B 31 15.72 9.45 -9.06
N LYS B 32 16.76 9.63 -9.87
CA LYS B 32 17.92 8.72 -9.87
C LYS B 32 19.15 9.35 -9.24
N THR B 33 19.17 10.69 -9.20
CA THR B 33 20.32 11.37 -8.62
C THR B 33 19.96 12.09 -7.37
N PHE B 34 20.75 11.88 -6.34
CA PHE B 34 20.47 12.50 -5.06
C PHE B 34 21.54 13.45 -4.59
N THR B 35 21.16 14.34 -3.71
CA THR B 35 22.12 15.33 -3.24
C THR B 35 22.92 14.74 -2.11
N ASP B 36 23.81 15.56 -1.55
CA ASP B 36 24.70 15.13 -0.45
C ASP B 36 24.12 14.91 0.93
N HIS B 37 23.10 15.66 1.33
CA HIS B 37 22.51 15.48 2.66
C HIS B 37 21.01 15.09 2.70
N MET B 38 20.54 14.72 3.87
CA MET B 38 19.17 14.29 4.05
C MET B 38 18.81 14.68 5.45
N LEU B 39 17.51 14.73 5.72
CA LEU B 39 16.96 15.04 7.02
C LEU B 39 16.40 13.72 7.55
N MET B 40 16.47 13.55 8.87
CA MET B 40 16.00 12.35 9.54
C MET B 40 15.51 12.76 10.92
N VAL B 41 14.36 12.24 11.33
CA VAL B 41 13.82 12.45 12.67
C VAL B 41 13.18 11.12 13.11
N GLU B 42 13.51 10.67 14.33
CA GLU B 42 12.94 9.42 14.84
C GLU B 42 11.86 9.67 15.91
N TRP B 43 10.86 8.80 15.98
CA TRP B 43 9.82 8.96 16.97
C TRP B 43 9.55 7.62 17.69
N ASN B 44 9.34 7.67 18.99
CA ASN B 44 9.08 6.45 19.74
C ASN B 44 8.28 6.78 20.97
N ASP B 45 8.54 5.97 22.00
CA ASP B 45 7.89 6.08 23.32
C ASP B 45 8.28 7.38 24.00
N LYS B 46 9.49 7.84 23.67
CA LYS B 46 10.04 9.09 24.20
C LYS B 46 9.53 10.24 23.31
N GLY B 47 8.73 9.90 22.30
CA GLY B 47 8.23 10.94 21.40
C GLY B 47 9.20 11.22 20.30
N TRP B 48 9.20 12.45 19.80
CA TRP B 48 10.11 12.81 18.73
C TRP B 48 11.54 13.09 19.22
N GLY B 49 12.53 12.52 18.54
CA GLY B 49 13.92 12.78 18.90
C GLY B 49 14.29 14.09 18.22
N GLN B 50 15.56 14.47 18.23
CA GLN B 50 15.95 15.71 17.58
C GLN B 50 16.22 15.55 16.08
N PRO B 51 15.82 16.54 15.29
CA PRO B 51 15.99 16.51 13.85
C PRO B 51 17.46 16.46 13.50
N ARG B 52 17.81 15.89 12.37
CA ARG B 52 19.21 15.88 12.04
C ARG B 52 19.47 15.95 10.55
N ILE B 53 20.46 16.72 10.19
CA ILE B 53 20.79 16.78 8.78
C ILE B 53 22.05 15.93 8.72
N GLN B 54 22.04 14.88 7.91
CA GLN B 54 23.19 14.01 7.85
C GLN B 54 23.54 13.66 6.41
N PRO B 55 24.72 13.11 6.22
CA PRO B 55 25.08 12.74 4.85
C PRO B 55 24.04 11.72 4.30
N PHE B 56 23.87 11.75 2.98
CA PHE B 56 22.92 10.84 2.35
C PHE B 56 23.43 9.44 2.71
N GLN B 57 22.60 8.62 3.35
CA GLN B 57 23.01 7.27 3.72
C GLN B 57 21.80 6.31 3.77
N ASN B 58 22.08 5.02 3.83
CA ASN B 58 21.02 4.01 3.84
C ASN B 58 20.31 3.97 5.16
N LEU B 59 19.09 3.45 5.14
CA LEU B 59 18.28 3.31 6.35
C LEU B 59 18.57 1.92 6.95
N THR B 60 18.44 1.81 8.25
CA THR B 60 18.59 0.55 8.99
C THR B 60 17.25 0.25 9.65
N LEU B 61 16.59 -0.80 9.15
CA LEU B 61 15.26 -1.18 9.62
C LEU B 61 15.18 -2.62 10.10
N HIS B 62 14.46 -2.83 11.18
CA HIS B 62 14.21 -4.15 11.71
C HIS B 62 13.41 -4.88 10.63
N PRO B 63 13.69 -6.18 10.37
CA PRO B 63 12.98 -6.95 9.35
C PRO B 63 11.47 -7.03 9.50
N ALA B 64 10.95 -6.80 10.68
CA ALA B 64 9.51 -6.85 10.87
C ALA B 64 8.89 -5.44 10.81
N SER B 65 9.69 -4.44 10.47
CA SER B 65 9.21 -3.06 10.43
C SER B 65 7.83 -2.93 9.81
N SER B 66 6.87 -2.32 10.50
CA SER B 66 5.53 -2.15 9.92
C SER B 66 5.53 -1.42 8.57
N SER B 67 6.57 -0.64 8.28
CA SER B 67 6.66 0.05 7.00
C SER B 67 6.75 -0.88 5.82
N LEU B 68 7.31 -2.07 6.03
CA LEU B 68 7.48 -3.07 4.98
C LEU B 68 6.46 -4.23 4.95
N HIS B 69 5.73 -4.45 6.03
CA HIS B 69 4.74 -5.53 6.05
C HIS B 69 3.33 -5.03 5.82
N TYR B 70 3.04 -3.84 6.37
CA TYR B 70 1.71 -3.26 6.28
C TYR B 70 1.55 -1.86 5.72
N SER B 71 2.51 -1.51 4.90
CA SER B 71 2.53 -0.26 4.17
C SER B 71 2.23 0.95 5.03
N LEU B 72 2.84 1.02 6.19
CA LEU B 72 2.63 2.20 7.05
C LEU B 72 3.69 3.16 6.54
N GLN B 73 3.32 3.82 5.46
CA GLN B 73 4.19 4.73 4.76
C GLN B 73 3.37 5.76 3.97
N LEU B 74 3.86 7.00 3.97
CA LEU B 74 3.25 8.09 3.21
C LEU B 74 4.39 9.03 2.75
N PHE B 75 4.14 9.85 1.74
CA PHE B 75 5.20 10.72 1.26
C PHE B 75 4.64 11.98 0.67
N GLU B 76 5.53 12.92 0.39
CA GLU B 76 5.15 14.17 -0.28
C GLU B 76 6.11 14.45 -1.42
N GLY B 77 5.71 15.41 -2.24
CA GLY B 77 6.51 15.79 -3.38
C GLY B 77 6.26 17.27 -3.62
N MET B 78 7.33 18.04 -3.64
CA MET B 78 7.22 19.48 -3.89
C MET B 78 8.55 19.99 -4.45
N LYS B 79 8.56 21.18 -5.03
CA LYS B 79 9.76 21.69 -5.64
C LYS B 79 10.25 23.03 -5.10
N ALA B 80 11.57 23.19 -5.15
CA ALA B 80 12.25 24.43 -4.78
C ALA B 80 12.79 24.92 -6.13
N PHE B 81 12.69 26.22 -6.40
CA PHE B 81 13.13 26.79 -7.68
C PHE B 81 14.20 27.87 -7.39
N LYS B 82 15.21 27.94 -8.25
CA LYS B 82 16.30 28.90 -8.11
C LYS B 82 16.29 29.79 -9.34
N GLY B 83 16.16 31.08 -9.10
CA GLY B 83 16.17 32.00 -10.23
C GLY B 83 17.52 32.64 -10.08
N LYS B 84 18.32 32.72 -11.16
CA LYS B 84 19.65 33.36 -11.05
C LYS B 84 19.37 34.61 -10.25
N ASP B 85 20.29 34.91 -9.35
CA ASP B 85 20.07 35.97 -8.37
C ASP B 85 20.30 34.92 -7.27
N GLN B 86 20.45 33.70 -7.80
CA GLN B 86 20.67 32.45 -7.09
C GLN B 86 19.77 32.23 -5.90
N GLN B 87 18.67 32.98 -5.84
CA GLN B 87 17.72 32.84 -4.74
C GLN B 87 16.77 31.62 -4.99
N VAL B 88 16.66 30.81 -3.94
CA VAL B 88 15.87 29.58 -3.96
C VAL B 88 14.56 29.75 -3.22
N ARG B 89 13.48 29.26 -3.84
CA ARG B 89 12.15 29.38 -3.24
C ARG B 89 11.30 28.08 -3.42
N LEU B 90 10.55 27.75 -2.39
CA LEU B 90 9.63 26.58 -2.42
C LEU B 90 8.25 27.07 -2.83
N PHE B 91 7.57 26.32 -3.68
CA PHE B 91 6.22 26.65 -4.13
C PHE B 91 5.17 26.09 -3.21
N ARG B 92 4.45 27.02 -2.55
CA ARG B 92 3.34 26.74 -1.63
C ARG B 92 3.56 25.49 -0.78
N PRO B 93 4.72 25.40 -0.12
CA PRO B 93 5.04 24.22 0.73
C PRO B 93 4.04 23.89 1.80
N TRP B 94 3.33 24.90 2.29
CA TRP B 94 2.35 24.69 3.35
C TRP B 94 1.26 23.69 2.97
N LEU B 95 0.83 23.72 1.73
CA LEU B 95 -0.23 22.80 1.31
C LEU B 95 0.30 21.36 1.35
N ASN B 96 1.56 21.16 1.04
CA ASN B 96 2.15 19.84 1.12
C ASN B 96 2.25 19.42 2.57
N MET B 97 2.49 20.38 3.47
CA MET B 97 2.59 20.02 4.89
C MET B 97 1.19 19.63 5.40
N ASP B 98 0.18 20.37 4.98
CA ASP B 98 -1.18 20.10 5.40
C ASP B 98 -1.55 18.66 4.93
N ARG B 99 -1.24 18.35 3.69
CA ARG B 99 -1.54 17.04 3.08
C ARG B 99 -0.82 15.88 3.76
N MET B 100 0.45 16.11 4.12
CA MET B 100 1.27 15.13 4.78
C MET B 100 0.69 14.80 6.15
N LEU B 101 0.27 15.83 6.87
CA LEU B 101 -0.30 15.58 8.18
C LEU B 101 -1.64 14.85 8.08
N ARG B 102 -2.41 15.14 7.04
CA ARG B 102 -3.67 14.42 6.89
C ARG B 102 -3.35 12.93 6.62
N SER B 103 -2.39 12.67 5.74
CA SER B 103 -1.98 11.31 5.40
C SER B 103 -1.50 10.60 6.70
N ALA B 104 -0.72 11.30 7.51
CA ALA B 104 -0.23 10.72 8.74
C ALA B 104 -1.34 10.30 9.67
N MET B 105 -2.35 11.14 9.80
CA MET B 105 -3.43 10.79 10.69
C MET B 105 -4.25 9.60 10.15
N ARG B 106 -4.33 9.46 8.84
CA ARG B 106 -5.13 8.37 8.25
C ARG B 106 -4.49 7.02 8.56
N LEU B 107 -3.17 7.06 8.70
CA LEU B 107 -2.40 5.84 8.96
C LEU B 107 -1.94 5.72 10.42
N CYS B 108 -2.55 6.51 11.29
CA CYS B 108 -2.22 6.47 12.71
C CYS B 108 -0.72 6.64 12.95
N LEU B 109 -0.10 7.52 12.19
CA LEU B 109 1.31 7.78 12.38
C LEU B 109 1.38 9.08 13.20
N PRO B 110 2.50 9.30 13.89
CA PRO B 110 2.63 10.51 14.72
C PRO B 110 2.50 11.88 14.07
N SER B 111 1.69 12.70 14.69
CA SER B 111 1.51 14.09 14.27
C SER B 111 2.81 14.84 14.51
N PHE B 112 2.98 15.95 13.79
CA PHE B 112 4.17 16.81 13.92
C PHE B 112 3.76 18.26 13.58
N ASP B 113 4.58 19.21 13.94
CA ASP B 113 4.27 20.60 13.68
C ASP B 113 4.64 20.96 12.25
N LYS B 114 3.62 21.27 11.46
CA LYS B 114 3.85 21.61 10.08
C LYS B 114 4.93 22.66 9.83
N LEU B 115 4.95 23.72 10.65
CA LEU B 115 5.96 24.77 10.48
C LEU B 115 7.39 24.36 10.88
N GLU B 116 7.53 23.46 11.87
CA GLU B 116 8.87 23.01 12.22
C GLU B 116 9.43 22.16 11.09
N LEU B 117 8.57 21.28 10.55
CA LEU B 117 9.07 20.47 9.45
C LEU B 117 9.47 21.38 8.30
N LEU B 118 8.65 22.40 8.01
CA LEU B 118 8.99 23.27 6.90
C LEU B 118 10.37 23.95 7.16
N GLU B 119 10.59 24.41 8.37
CA GLU B 119 11.88 25.06 8.64
C GLU B 119 13.04 24.06 8.50
N CYS B 120 12.83 22.83 8.97
CA CYS B 120 13.85 21.80 8.83
C CYS B 120 14.14 21.54 7.37
N ILE B 121 13.10 21.49 6.53
CA ILE B 121 13.34 21.28 5.12
C ILE B 121 14.09 22.52 4.58
N ARG B 122 13.70 23.68 5.09
CA ARG B 122 14.37 24.91 4.65
C ARG B 122 15.88 24.81 4.91
N ARG B 123 16.25 24.39 6.12
CA ARG B 123 17.66 24.23 6.51
C ARG B 123 18.40 23.22 5.66
N LEU B 124 17.74 22.11 5.32
CA LEU B 124 18.38 21.10 4.50
C LEU B 124 18.59 21.60 3.08
N ILE B 125 17.57 22.21 2.51
CA ILE B 125 17.71 22.66 1.13
C ILE B 125 18.81 23.69 1.08
N GLU B 126 18.97 24.35 2.19
CA GLU B 126 19.98 25.37 2.29
C GLU B 126 21.38 24.72 2.17
N VAL B 127 21.63 23.70 2.99
CA VAL B 127 22.91 23.02 2.95
C VAL B 127 23.18 22.55 1.51
N ASP B 128 22.17 22.06 0.82
CA ASP B 128 22.44 21.64 -0.54
C ASP B 128 22.05 22.69 -1.60
N LYS B 129 22.07 23.99 -1.26
CA LYS B 129 21.67 25.01 -2.29
C LYS B 129 22.24 24.82 -3.69
N ASP B 130 23.51 24.43 -3.78
CA ASP B 130 24.13 24.28 -5.09
C ASP B 130 23.68 23.17 -5.96
N TRP B 131 22.91 22.24 -5.36
CA TRP B 131 22.38 21.11 -6.12
C TRP B 131 21.17 21.66 -6.88
N VAL B 132 20.64 22.78 -6.38
CA VAL B 132 19.48 23.43 -7.00
C VAL B 132 20.00 23.99 -8.30
N PRO B 133 19.48 23.47 -9.42
CA PRO B 133 19.96 23.96 -10.70
C PRO B 133 19.42 25.40 -10.87
N ASP B 134 19.59 25.99 -12.06
CA ASP B 134 19.09 27.32 -12.38
C ASP B 134 18.78 27.40 -13.87
N ALA B 135 19.14 26.36 -14.62
CA ALA B 135 18.82 26.38 -16.02
C ALA B 135 17.29 26.43 -16.19
N ALA B 136 16.85 26.83 -17.39
CA ALA B 136 15.44 26.91 -17.71
C ALA B 136 14.63 25.62 -17.43
N GLY B 137 13.55 25.76 -16.68
CA GLY B 137 12.68 24.64 -16.39
C GLY B 137 13.23 23.56 -15.50
N THR B 138 14.31 23.84 -14.76
CA THR B 138 14.87 22.82 -13.86
C THR B 138 14.49 23.22 -12.47
N SER B 139 14.69 22.31 -11.52
CA SER B 139 14.33 22.53 -10.13
C SER B 139 14.95 21.47 -9.23
N LEU B 140 14.67 21.59 -7.94
CA LEU B 140 15.10 20.66 -6.93
C LEU B 140 13.83 20.00 -6.37
N TYR B 141 13.73 18.67 -6.53
CA TYR B 141 12.59 17.90 -6.01
C TYR B 141 12.84 17.54 -4.56
N VAL B 142 11.84 17.78 -3.72
CA VAL B 142 11.93 17.51 -2.31
C VAL B 142 10.98 16.35 -2.01
N ARG B 143 11.52 15.32 -1.37
CA ARG B 143 10.75 14.10 -1.04
C ARG B 143 10.77 13.75 0.42
N PRO B 144 9.76 14.21 1.16
CA PRO B 144 9.58 13.96 2.59
C PRO B 144 8.86 12.61 2.67
N VAL B 145 9.13 11.87 3.72
CA VAL B 145 8.56 10.51 3.88
C VAL B 145 8.36 10.27 5.36
N LEU B 146 7.22 9.64 5.71
CA LEU B 146 7.00 9.25 7.10
C LEU B 146 6.65 7.76 7.04
N ILE B 147 7.37 6.94 7.79
CA ILE B 147 7.04 5.49 7.85
C ILE B 147 6.87 4.92 9.26
N GLY B 148 6.03 3.89 9.38
CA GLY B 148 5.84 3.24 10.65
C GLY B 148 7.08 2.39 10.82
N ASN B 149 7.45 2.07 12.04
CA ASN B 149 8.67 1.32 12.20
C ASN B 149 8.70 0.42 13.46
N GLU B 150 7.56 -0.18 13.82
CA GLU B 150 7.55 -1.06 14.99
C GLU B 150 8.02 -2.45 14.55
N PRO B 151 8.96 -3.01 15.27
CA PRO B 151 9.50 -4.33 14.94
C PRO B 151 8.51 -5.37 15.47
N SER B 152 7.29 -5.32 14.94
CA SER B 152 6.20 -6.19 15.38
C SER B 152 5.34 -6.59 14.18
N LEU B 153 4.90 -7.85 14.13
CA LEU B 153 4.05 -8.29 13.01
C LEU B 153 2.55 -8.02 13.23
N GLY B 154 2.18 -7.54 14.41
CA GLY B 154 0.76 -7.25 14.58
C GLY B 154 0.35 -6.06 13.71
N VAL B 155 -0.83 -6.10 13.10
CA VAL B 155 -1.30 -4.97 12.32
C VAL B 155 -1.82 -3.97 13.39
N SER B 156 -1.09 -2.90 13.65
CA SER B 156 -1.55 -1.96 14.68
C SER B 156 -0.85 -0.60 14.63
N GLN B 157 -1.27 0.34 15.46
CA GLN B 157 -0.63 1.67 15.49
C GLN B 157 0.84 1.51 15.93
N PRO B 158 1.79 2.00 15.12
CA PRO B 158 3.18 1.84 15.50
C PRO B 158 3.50 2.67 16.72
N ARG B 159 4.53 2.26 17.42
CA ARG B 159 4.96 2.92 18.63
C ARG B 159 6.33 3.49 18.32
N ARG B 160 6.69 3.41 17.06
CA ARG B 160 7.95 3.91 16.57
C ARG B 160 7.68 4.29 15.12
N ALA B 161 8.28 5.40 14.69
CA ALA B 161 8.11 5.93 13.34
C ALA B 161 9.36 6.69 12.94
N LEU B 162 9.61 6.81 11.66
CA LEU B 162 10.76 7.56 11.18
C LEU B 162 10.32 8.52 10.08
N LEU B 163 10.81 9.75 10.18
CA LEU B 163 10.51 10.78 9.19
C LEU B 163 11.81 11.15 8.49
N PHE B 164 11.79 11.25 7.17
CA PHE B 164 13.01 11.63 6.50
C PHE B 164 12.77 12.38 5.21
N VAL B 165 13.79 13.11 4.79
CA VAL B 165 13.69 13.87 3.56
C VAL B 165 14.93 13.79 2.71
N ILE B 166 14.75 13.51 1.44
CA ILE B 166 15.84 13.44 0.51
C ILE B 166 15.53 14.40 -0.66
N LEU B 167 16.57 14.81 -1.38
CA LEU B 167 16.45 15.75 -2.51
C LEU B 167 17.02 15.25 -3.83
N CYS B 168 16.35 15.59 -4.91
CA CYS B 168 16.76 15.22 -6.25
C CYS B 168 16.77 16.43 -7.13
N PRO B 169 17.89 16.68 -7.83
CA PRO B 169 17.97 17.84 -8.72
C PRO B 169 17.18 17.37 -9.92
N VAL B 170 16.40 18.22 -10.54
CA VAL B 170 15.62 17.74 -11.65
C VAL B 170 15.76 18.54 -12.93
N GLY B 171 15.80 17.81 -14.04
CA GLY B 171 15.93 18.46 -15.32
C GLY B 171 14.60 19.11 -15.63
N ALA B 172 14.54 19.73 -16.82
CA ALA B 172 13.32 20.37 -17.26
C ALA B 172 12.44 19.25 -17.79
N TYR B 173 11.26 19.11 -17.21
CA TYR B 173 10.35 18.04 -17.64
C TYR B 173 10.28 17.99 -19.17
N PHE B 174 10.12 19.15 -19.82
CA PHE B 174 10.06 19.14 -21.29
C PHE B 174 11.46 19.42 -21.88
N PRO B 175 11.97 18.50 -22.75
CA PRO B 175 13.29 18.64 -23.37
C PRO B 175 13.57 20.06 -23.87
N GLY B 176 14.63 20.65 -23.34
CA GLY B 176 15.02 21.98 -23.75
C GLY B 176 13.98 23.07 -23.63
N GLY B 177 12.97 22.87 -22.77
CA GLY B 177 11.95 23.89 -22.58
C GLY B 177 10.95 24.05 -23.71
N SER B 178 10.46 22.94 -24.22
CA SER B 178 9.45 22.96 -25.28
C SER B 178 8.21 22.63 -24.46
N VAL B 179 7.27 21.89 -25.06
CA VAL B 179 6.03 21.41 -24.38
C VAL B 179 5.47 20.41 -25.38
N THR B 180 5.33 19.16 -24.93
CA THR B 180 4.87 18.07 -25.78
C THR B 180 3.67 17.34 -25.16
N PRO B 181 2.67 17.01 -25.96
CA PRO B 181 1.49 16.32 -25.43
C PRO B 181 1.66 14.82 -25.15
N VAL B 182 0.79 14.28 -24.28
CA VAL B 182 0.83 12.86 -23.95
C VAL B 182 -0.43 12.15 -24.38
N SER B 183 -0.35 10.84 -24.59
CA SER B 183 -1.52 10.03 -24.95
C SER B 183 -1.85 9.22 -23.70
N LEU B 184 -3.14 8.94 -23.51
CA LEU B 184 -3.56 8.26 -22.31
C LEU B 184 -4.38 7.04 -22.58
N LEU B 185 -4.20 6.02 -21.76
CA LEU B 185 -5.02 4.83 -21.91
C LEU B 185 -6.18 5.00 -20.91
N ALA B 186 -7.40 4.87 -21.39
CA ALA B 186 -8.58 4.98 -20.54
C ALA B 186 -9.37 3.70 -20.66
N ASP B 187 -9.09 2.78 -19.75
CA ASP B 187 -9.72 1.48 -19.68
C ASP B 187 -10.35 1.27 -18.30
N PRO B 188 -11.67 1.12 -18.27
CA PRO B 188 -12.38 0.92 -16.99
C PRO B 188 -11.99 -0.31 -16.15
N ALA B 189 -11.32 -1.27 -16.75
CA ALA B 189 -10.86 -2.47 -16.01
C ALA B 189 -9.97 -2.09 -14.85
N PHE B 190 -9.32 -0.92 -15.02
CA PHE B 190 -8.35 -0.37 -14.08
C PHE B 190 -8.96 0.61 -13.07
N ILE B 191 -8.75 0.34 -11.79
CA ILE B 191 -9.36 1.19 -10.76
C ILE B 191 -8.38 1.47 -9.65
N ARG B 192 -7.94 2.72 -9.65
CA ARG B 192 -6.96 3.28 -8.74
C ARG B 192 -7.38 3.53 -7.28
N ALA B 193 -8.67 3.79 -7.07
CA ALA B 193 -9.16 4.13 -5.73
C ALA B 193 -10.67 4.02 -5.78
N TRP B 194 -11.28 3.93 -4.61
CA TRP B 194 -12.73 3.73 -4.44
C TRP B 194 -13.30 4.74 -3.42
N VAL B 195 -14.60 5.09 -3.52
CA VAL B 195 -15.20 6.04 -2.50
C VAL B 195 -15.10 5.35 -1.13
N GLY B 196 -14.67 6.08 -0.11
CA GLY B 196 -14.54 5.47 1.19
C GLY B 196 -13.15 4.89 1.36
N GLY B 197 -12.33 4.98 0.31
CA GLY B 197 -10.97 4.46 0.36
C GLY B 197 -9.92 5.49 0.76
N VAL B 198 -8.71 5.41 0.21
CA VAL B 198 -7.63 6.33 0.58
C VAL B 198 -6.96 7.07 -0.59
N GLY B 199 -7.70 7.19 -1.69
CA GLY B 199 -7.19 7.86 -2.88
C GLY B 199 -6.91 9.35 -2.65
N ASN B 200 -7.50 9.93 -1.62
CA ASN B 200 -7.23 11.35 -1.36
C ASN B 200 -6.08 11.60 -0.38
N TYR B 201 -5.25 10.59 -0.16
CA TYR B 201 -4.10 10.71 0.73
C TYR B 201 -2.95 10.21 -0.12
N LYS B 202 -1.77 10.74 0.15
CA LYS B 202 -0.57 10.37 -0.58
C LYS B 202 0.14 9.22 0.12
N LEU B 203 -0.48 8.06 0.02
CA LEU B 203 0.01 6.87 0.66
C LEU B 203 0.71 6.02 -0.35
N GLY B 204 1.86 5.46 0.02
CA GLY B 204 2.57 4.59 -0.92
C GLY B 204 1.70 3.47 -1.51
N GLY B 205 0.79 2.91 -0.68
CA GLY B 205 -0.10 1.84 -1.11
C GLY B 205 -0.94 2.18 -2.34
N ASN B 206 -1.19 3.47 -2.54
CA ASN B 206 -1.94 3.88 -3.73
C ASN B 206 -1.16 3.70 -5.05
N TYR B 207 0.17 3.66 -4.94
CA TYR B 207 1.02 3.64 -6.12
C TYR B 207 1.53 2.29 -6.66
N GLY B 208 1.93 1.46 -5.72
CA GLY B 208 2.44 0.12 -6.10
C GLY B 208 1.55 -0.60 -7.09
N PRO B 209 0.23 -0.64 -6.92
CA PRO B 209 -0.62 -1.36 -7.89
C PRO B 209 -0.71 -0.76 -9.28
N THR B 210 -0.25 0.49 -9.44
CA THR B 210 -0.34 1.12 -10.74
C THR B 210 0.82 0.72 -11.67
N VAL B 211 1.87 0.13 -11.11
CA VAL B 211 3.01 -0.21 -11.97
C VAL B 211 2.65 -1.05 -13.14
N LEU B 212 1.90 -2.12 -12.88
CA LEU B 212 1.49 -3.03 -13.94
C LEU B 212 0.57 -2.35 -14.94
N VAL B 213 -0.28 -1.45 -14.45
CA VAL B 213 -1.23 -0.79 -15.35
C VAL B 213 -0.52 0.17 -16.28
N GLN B 214 0.48 0.84 -15.76
CA GLN B 214 1.26 1.76 -16.58
C GLN B 214 2.00 0.93 -17.62
N GLN B 215 2.47 -0.26 -17.27
CA GLN B 215 3.14 -1.10 -18.26
C GLN B 215 2.20 -1.45 -19.38
N GLU B 216 0.93 -1.72 -19.05
CA GLU B 216 -0.03 -2.04 -20.11
C GLU B 216 -0.20 -0.84 -21.03
N ALA B 217 -0.39 0.32 -20.43
CA ALA B 217 -0.56 1.55 -21.22
C ALA B 217 0.56 1.61 -22.26
N LEU B 218 1.79 1.35 -21.83
CA LEU B 218 2.92 1.39 -22.78
C LEU B 218 2.74 0.32 -23.85
N LYS B 219 2.37 -0.89 -23.46
CA LYS B 219 2.19 -1.92 -24.48
C LYS B 219 1.06 -1.56 -25.43
N ARG B 220 0.07 -0.78 -24.96
CA ARG B 220 -1.03 -0.42 -25.85
C ARG B 220 -0.70 0.88 -26.61
N GLY B 221 0.56 1.29 -26.52
CA GLY B 221 0.99 2.47 -27.23
C GLY B 221 0.58 3.83 -26.66
N CYS B 222 0.33 3.91 -25.35
CA CYS B 222 -0.04 5.16 -24.67
C CYS B 222 1.04 5.48 -23.69
N GLU B 223 1.12 6.72 -23.22
CA GLU B 223 2.17 7.14 -22.30
C GLU B 223 1.80 7.16 -20.83
N GLN B 224 0.52 7.41 -20.54
CA GLN B 224 0.06 7.44 -19.15
C GLN B 224 -1.36 6.89 -19.08
N VAL B 225 -1.83 6.75 -17.84
CA VAL B 225 -3.15 6.20 -17.60
C VAL B 225 -4.12 7.28 -17.15
N LEU B 226 -5.28 7.29 -17.78
CA LEU B 226 -6.40 8.16 -17.38
C LEU B 226 -7.28 7.14 -16.60
N TRP B 227 -7.36 7.33 -15.30
CA TRP B 227 -8.09 6.48 -14.41
C TRP B 227 -9.55 6.79 -14.44
N LEU B 228 -10.37 5.79 -14.78
CA LEU B 228 -11.81 5.99 -14.79
C LEU B 228 -12.41 5.39 -13.53
N TYR B 229 -13.58 5.88 -13.16
CA TYR B 229 -14.26 5.38 -11.98
C TYR B 229 -15.74 5.28 -12.25
N GLY B 230 -16.38 4.22 -11.74
CA GLY B 230 -17.82 4.09 -11.88
C GLY B 230 -18.39 3.52 -13.15
N PRO B 231 -19.68 3.12 -13.14
CA PRO B 231 -20.36 2.54 -14.29
C PRO B 231 -20.48 3.65 -15.32
N ASP B 232 -20.36 4.87 -14.82
CA ASP B 232 -20.43 6.15 -15.51
C ASP B 232 -19.12 6.52 -16.22
N HIS B 233 -18.05 5.79 -15.89
CA HIS B 233 -16.74 6.05 -16.46
C HIS B 233 -16.39 7.53 -16.25
N GLN B 234 -16.32 7.94 -15.00
CA GLN B 234 -15.96 9.32 -14.68
C GLN B 234 -14.44 9.47 -14.86
N LEU B 235 -13.98 10.62 -15.33
CA LEU B 235 -12.54 10.79 -15.41
C LEU B 235 -12.11 11.25 -14.02
N THR B 236 -11.10 10.63 -13.44
CA THR B 236 -10.68 11.04 -12.09
C THR B 236 -9.35 11.78 -12.09
N GLU B 237 -8.27 11.08 -12.45
CA GLU B 237 -6.98 11.74 -12.49
C GLU B 237 -6.16 10.95 -13.51
N VAL B 238 -5.07 11.56 -13.97
CA VAL B 238 -4.28 10.94 -15.00
C VAL B 238 -2.86 10.67 -14.57
N GLY B 239 -2.57 9.41 -14.26
CA GLY B 239 -1.23 9.01 -13.85
C GLY B 239 -1.00 9.48 -12.45
N THR B 240 -0.14 10.48 -12.34
CA THR B 240 0.24 11.15 -11.12
C THR B 240 -0.11 12.65 -11.36
N MET B 241 -1.31 12.89 -11.89
CA MET B 241 -1.69 14.27 -12.17
C MET B 241 -3.18 14.41 -12.11
N ASN B 242 -3.65 15.60 -11.75
CA ASN B 242 -5.08 15.82 -11.77
C ASN B 242 -5.39 16.18 -13.22
N ILE B 243 -6.65 16.06 -13.60
CA ILE B 243 -7.04 16.31 -14.96
C ILE B 243 -8.00 17.48 -15.10
N PHE B 244 -7.76 18.29 -16.12
CA PHE B 244 -8.58 19.44 -16.40
C PHE B 244 -9.13 19.42 -17.83
N VAL B 245 -10.33 19.95 -18.01
CA VAL B 245 -10.91 20.06 -19.35
C VAL B 245 -11.37 21.53 -19.57
N TYR B 246 -10.96 22.12 -20.69
CA TYR B 246 -11.37 23.47 -21.08
C TYR B 246 -12.23 23.28 -22.34
N TRP B 247 -13.50 23.66 -22.25
CA TRP B 247 -14.43 23.46 -23.36
C TRP B 247 -15.62 24.39 -23.20
N THR B 248 -16.51 24.35 -24.19
CA THR B 248 -17.71 25.13 -24.13
C THR B 248 -18.66 24.11 -23.59
N HIS B 249 -19.15 24.32 -22.37
CA HIS B 249 -20.03 23.32 -21.79
C HIS B 249 -21.33 23.23 -22.58
N GLU B 250 -22.10 22.19 -22.25
CA GLU B 250 -23.38 21.91 -22.87
C GLU B 250 -24.33 23.10 -22.83
N ASP B 251 -24.23 23.97 -21.83
CA ASP B 251 -25.15 25.12 -21.77
C ASP B 251 -24.65 26.33 -22.60
N GLY B 252 -23.64 26.11 -23.45
CA GLY B 252 -23.13 27.21 -24.24
C GLY B 252 -22.08 28.07 -23.55
N VAL B 253 -21.78 27.75 -22.29
CA VAL B 253 -20.79 28.48 -21.49
C VAL B 253 -19.40 27.88 -21.52
N LEU B 254 -18.41 28.70 -21.86
CA LEU B 254 -17.00 28.30 -21.88
C LEU B 254 -16.51 28.16 -20.42
N GLU B 255 -15.97 26.98 -20.07
CA GLU B 255 -15.50 26.79 -18.70
C GLU B 255 -14.21 25.94 -18.59
N LEU B 256 -13.56 26.03 -17.44
CA LEU B 256 -12.38 25.22 -17.13
C LEU B 256 -13.01 24.37 -16.03
N VAL B 257 -13.08 23.05 -16.23
CA VAL B 257 -13.67 22.14 -15.24
C VAL B 257 -12.65 21.08 -14.82
N THR B 258 -12.79 20.54 -13.59
CA THR B 258 -11.92 19.48 -13.08
C THR B 258 -12.81 18.69 -12.07
N PRO B 259 -12.54 17.38 -11.91
CA PRO B 259 -13.34 16.57 -10.98
C PRO B 259 -13.23 17.17 -9.59
N PRO B 260 -14.31 17.09 -8.79
CA PRO B 260 -14.34 17.63 -7.43
C PRO B 260 -13.63 16.69 -6.44
N LEU B 261 -13.27 17.20 -5.27
CA LEU B 261 -12.63 16.39 -4.26
C LEU B 261 -13.74 15.57 -3.57
N ASN B 262 -14.06 14.42 -4.13
CA ASN B 262 -15.09 13.60 -3.57
C ASN B 262 -14.49 12.45 -2.77
N GLY B 263 -13.18 12.44 -2.60
CA GLY B 263 -12.57 11.36 -1.84
C GLY B 263 -11.80 10.35 -2.67
N VAL B 264 -11.98 10.39 -3.97
CA VAL B 264 -11.30 9.46 -4.84
C VAL B 264 -10.04 10.05 -5.49
N ILE B 265 -9.94 11.36 -5.56
CA ILE B 265 -8.77 11.92 -6.20
C ILE B 265 -7.93 12.68 -5.19
N LEU B 266 -6.63 12.80 -5.47
CA LEU B 266 -5.68 13.48 -4.62
C LEU B 266 -5.82 14.99 -4.78
N PRO B 267 -5.87 15.75 -3.65
CA PRO B 267 -5.98 17.22 -3.79
C PRO B 267 -4.63 17.79 -4.19
N GLY B 268 -4.38 17.82 -5.50
CA GLY B 268 -3.11 18.34 -5.99
C GLY B 268 -2.90 19.83 -5.70
N VAL B 269 -1.67 20.18 -5.38
CA VAL B 269 -1.32 21.58 -5.09
C VAL B 269 -1.38 22.39 -6.38
N VAL B 270 -0.91 21.83 -7.49
CA VAL B 270 -0.94 22.57 -8.75
C VAL B 270 -2.38 22.74 -9.17
N ARG B 271 -3.18 21.68 -9.01
CA ARG B 271 -4.61 21.72 -9.33
C ARG B 271 -5.32 22.91 -8.60
N GLN B 272 -5.06 22.99 -7.31
CA GLN B 272 -5.66 24.06 -6.53
C GLN B 272 -5.15 25.42 -7.04
N SER B 273 -3.88 25.48 -7.39
CA SER B 273 -3.26 26.72 -7.89
C SER B 273 -3.83 27.15 -9.24
N LEU B 274 -4.19 26.20 -10.10
CA LEU B 274 -4.74 26.56 -11.40
C LEU B 274 -6.18 27.02 -11.20
N LEU B 275 -6.89 26.40 -10.28
CA LEU B 275 -8.24 26.84 -9.98
C LEU B 275 -8.20 28.30 -9.45
N ASP B 276 -7.28 28.53 -8.52
CA ASP B 276 -7.15 29.84 -7.87
C ASP B 276 -6.87 30.92 -8.92
N MET B 277 -5.88 30.64 -9.74
CA MET B 277 -5.47 31.53 -10.78
C MET B 277 -6.59 31.83 -11.76
N ALA B 278 -7.26 30.78 -12.27
CA ALA B 278 -8.35 31.00 -13.22
C ALA B 278 -9.51 31.78 -12.60
N GLN B 279 -9.82 31.53 -11.32
CA GLN B 279 -10.93 32.23 -10.69
C GLN B 279 -10.52 33.68 -10.61
N THR B 280 -9.30 33.92 -10.14
CA THR B 280 -8.81 35.28 -10.04
C THR B 280 -9.00 36.06 -11.35
N TRP B 281 -8.65 35.47 -12.49
CA TRP B 281 -8.83 36.17 -13.76
C TRP B 281 -10.27 36.60 -13.99
N GLY B 282 -11.21 35.72 -13.67
CA GLY B 282 -12.61 36.03 -13.83
C GLY B 282 -13.04 36.21 -15.25
N GLU B 283 -12.41 35.47 -16.17
CA GLU B 283 -12.74 35.58 -17.58
C GLU B 283 -13.66 34.48 -18.09
N PHE B 284 -13.77 33.39 -17.32
CA PHE B 284 -14.64 32.29 -17.70
C PHE B 284 -15.02 31.49 -16.49
N ARG B 285 -16.01 30.62 -16.65
CA ARG B 285 -16.50 29.82 -15.56
C ARG B 285 -15.42 28.82 -15.16
N VAL B 286 -15.21 28.71 -13.85
CA VAL B 286 -14.25 27.75 -13.26
C VAL B 286 -15.07 26.93 -12.28
N VAL B 287 -15.05 25.62 -12.43
CA VAL B 287 -15.88 24.81 -11.58
C VAL B 287 -15.33 23.41 -11.41
N GLU B 288 -15.68 22.83 -10.28
CA GLU B 288 -15.30 21.48 -9.92
C GLU B 288 -16.58 20.69 -10.09
N ARG B 289 -16.57 19.75 -11.01
CA ARG B 289 -17.75 18.97 -11.29
C ARG B 289 -17.31 17.67 -11.97
N THR B 290 -18.15 16.65 -11.82
CA THR B 290 -17.89 15.33 -12.38
C THR B 290 -17.88 15.42 -13.89
N ILE B 291 -16.91 14.74 -14.52
CA ILE B 291 -16.77 14.69 -15.98
C ILE B 291 -16.86 13.21 -16.39
N THR B 292 -17.71 12.88 -17.35
CA THR B 292 -17.81 11.47 -17.78
C THR B 292 -17.28 11.26 -19.17
N MET B 293 -16.92 10.05 -19.51
CA MET B 293 -16.44 9.78 -20.85
C MET B 293 -17.58 10.12 -21.82
N LYS B 294 -18.82 9.82 -21.44
CA LYS B 294 -19.91 10.10 -22.35
C LYS B 294 -19.97 11.59 -22.69
N GLN B 295 -19.74 12.46 -21.70
CA GLN B 295 -19.79 13.88 -21.97
C GLN B 295 -18.62 14.32 -22.81
N LEU B 296 -17.45 13.71 -22.59
CA LEU B 296 -16.25 14.09 -23.35
C LEU B 296 -16.50 13.76 -24.86
N LEU B 297 -17.06 12.60 -25.12
CA LEU B 297 -17.31 12.17 -26.49
C LEU B 297 -18.25 13.09 -27.29
N ARG B 298 -19.36 13.47 -26.69
CA ARG B 298 -20.31 14.37 -27.35
C ARG B 298 -19.69 15.76 -27.53
N ALA B 299 -18.87 16.16 -26.57
CA ALA B 299 -18.22 17.46 -26.67
C ALA B 299 -17.21 17.48 -27.82
N LEU B 300 -16.47 16.38 -28.00
CA LEU B 300 -15.49 16.32 -29.08
C LEU B 300 -16.16 16.29 -30.45
N GLU B 301 -17.29 15.62 -30.57
CA GLU B 301 -17.97 15.56 -31.86
C GLU B 301 -18.46 16.94 -32.28
N GLU B 302 -19.01 17.69 -31.34
CA GLU B 302 -19.54 19.02 -31.62
C GLU B 302 -18.46 20.09 -31.63
N GLY B 303 -17.21 19.66 -31.51
CA GLY B 303 -16.12 20.61 -31.55
C GLY B 303 -16.08 21.58 -30.40
N ARG B 304 -16.59 21.17 -29.23
CA ARG B 304 -16.62 22.05 -28.06
C ARG B 304 -15.41 22.00 -27.13
N VAL B 305 -14.57 20.97 -27.30
CA VAL B 305 -13.36 20.83 -26.49
C VAL B 305 -12.19 21.65 -27.03
N ARG B 306 -11.62 22.51 -26.19
CA ARG B 306 -10.44 23.30 -26.59
C ARG B 306 -9.11 22.72 -26.14
N GLU B 307 -9.02 22.40 -24.83
CA GLU B 307 -7.79 21.85 -24.27
C GLU B 307 -8.09 20.87 -23.12
N VAL B 308 -7.24 19.86 -22.98
CA VAL B 308 -7.35 18.87 -21.89
C VAL B 308 -5.92 18.73 -21.45
N PHE B 309 -5.70 18.72 -20.14
CA PHE B 309 -4.35 18.61 -19.62
C PHE B 309 -4.28 18.06 -18.19
N GLY B 310 -3.10 17.52 -17.82
CA GLY B 310 -2.94 17.03 -16.47
C GLY B 310 -2.17 18.11 -15.71
N SER B 311 -2.25 18.11 -14.38
CA SER B 311 -1.53 19.10 -13.58
C SER B 311 -0.84 18.36 -12.47
N GLY B 312 0.41 18.69 -12.20
CA GLY B 312 1.10 17.99 -11.14
C GLY B 312 2.44 18.62 -10.88
N THR B 313 3.12 18.25 -9.81
CA THR B 313 4.43 18.83 -9.49
C THR B 313 5.50 18.49 -10.55
N ALA B 314 5.43 17.28 -11.12
CA ALA B 314 6.41 16.85 -12.09
C ALA B 314 6.26 17.61 -13.37
N CYS B 315 5.04 17.64 -13.88
CA CYS B 315 4.71 18.32 -15.10
C CYS B 315 3.50 19.16 -14.74
N GLN B 316 3.79 20.40 -14.34
CA GLN B 316 2.76 21.33 -13.91
C GLN B 316 1.57 21.43 -14.79
N VAL B 317 1.74 21.63 -16.10
CA VAL B 317 0.58 21.71 -16.99
C VAL B 317 1.00 20.88 -18.20
N CYS B 318 0.36 19.71 -18.33
CA CYS B 318 0.71 18.72 -19.35
C CYS B 318 -0.36 18.50 -20.41
N PRO B 319 -0.14 19.01 -21.65
CA PRO B 319 -1.20 18.79 -22.62
C PRO B 319 -1.44 17.33 -22.98
N VAL B 320 -2.69 17.07 -23.38
CA VAL B 320 -3.11 15.74 -23.78
C VAL B 320 -3.63 15.83 -25.23
N HIS B 321 -3.17 14.93 -26.06
CA HIS B 321 -3.64 14.99 -27.44
C HIS B 321 -4.37 13.72 -27.86
N ARG B 322 -4.34 12.71 -27.04
CA ARG B 322 -5.02 11.49 -27.46
C ARG B 322 -5.40 10.64 -26.29
N ILE B 323 -6.56 10.00 -26.39
CA ILE B 323 -7.02 9.13 -25.35
C ILE B 323 -7.48 7.87 -26.04
N LEU B 324 -6.98 6.72 -25.61
CA LEU B 324 -7.43 5.48 -26.21
C LEU B 324 -8.48 4.90 -25.26
N TYR B 325 -9.73 4.91 -25.71
CA TYR B 325 -10.86 4.44 -24.90
C TYR B 325 -11.68 3.36 -25.62
N LYS B 326 -11.85 2.20 -25.01
CA LYS B 326 -12.66 1.13 -25.63
C LYS B 326 -12.14 0.73 -27.02
N ASP B 327 -10.82 0.75 -27.19
CA ASP B 327 -10.20 0.39 -28.46
C ASP B 327 -10.20 1.44 -29.58
N ARG B 328 -10.85 2.56 -29.32
CA ARG B 328 -10.99 3.67 -30.27
C ARG B 328 -10.25 4.94 -29.81
N ASN B 329 -9.31 5.40 -30.63
CA ASN B 329 -8.50 6.57 -30.32
C ASN B 329 -9.26 7.83 -30.49
N LEU B 330 -9.30 8.67 -29.45
CA LEU B 330 -9.98 9.94 -29.56
C LEU B 330 -8.89 10.97 -29.72
N HIS B 331 -9.03 11.80 -30.75
CA HIS B 331 -8.05 12.83 -30.93
C HIS B 331 -8.52 14.01 -30.09
N ILE B 332 -7.58 14.55 -29.31
CA ILE B 332 -7.85 15.70 -28.46
C ILE B 332 -7.15 16.87 -29.10
N PRO B 333 -7.94 17.81 -29.60
CA PRO B 333 -7.50 19.03 -30.29
C PRO B 333 -6.74 20.07 -29.44
N THR B 334 -6.14 19.63 -28.34
CA THR B 334 -5.42 20.57 -27.46
C THR B 334 -4.38 21.46 -28.13
N MET B 335 -3.41 20.84 -28.79
CA MET B 335 -2.37 21.62 -29.45
C MET B 335 -2.87 22.50 -30.60
N GLU B 336 -3.97 22.13 -31.27
CA GLU B 336 -4.44 22.99 -32.33
C GLU B 336 -5.17 24.22 -31.80
N ASN B 337 -5.29 24.31 -30.48
CA ASN B 337 -5.95 25.44 -29.81
C ASN B 337 -4.93 26.28 -29.08
N GLY B 338 -3.68 26.15 -29.51
CA GLY B 338 -2.62 26.93 -28.94
C GLY B 338 -1.46 26.10 -28.48
N PRO B 339 -1.57 25.43 -27.33
CA PRO B 339 -2.71 25.41 -26.43
C PRO B 339 -2.63 26.71 -25.61
N GLU B 340 -3.57 27.62 -25.86
CA GLU B 340 -3.57 28.94 -25.24
C GLU B 340 -3.67 28.95 -23.73
N LEU B 341 -4.66 28.26 -23.14
CA LEU B 341 -4.78 28.28 -21.67
C LEU B 341 -3.54 27.70 -21.01
N ILE B 342 -3.20 26.50 -21.45
CA ILE B 342 -1.99 25.84 -20.94
C ILE B 342 -0.74 26.70 -20.97
N LEU B 343 -0.50 27.43 -22.06
CA LEU B 343 0.66 28.28 -22.16
C LEU B 343 0.58 29.46 -21.18
N ARG B 344 -0.59 30.05 -21.01
CA ARG B 344 -0.68 31.16 -20.04
C ARG B 344 -0.45 30.63 -18.62
N PHE B 345 -1.04 29.47 -18.29
CA PHE B 345 -0.84 28.89 -16.96
C PHE B 345 0.67 28.67 -16.74
N GLN B 346 1.35 28.10 -17.72
CA GLN B 346 2.78 27.86 -17.57
C GLN B 346 3.62 29.15 -17.37
N LYS B 347 3.26 30.18 -18.12
CA LYS B 347 3.99 31.42 -18.01
C LYS B 347 3.73 32.01 -16.65
N GLU B 348 2.45 32.12 -16.25
CA GLU B 348 2.19 32.70 -14.93
C GLU B 348 2.95 31.91 -13.86
N LEU B 349 2.89 30.58 -13.93
CA LEU B 349 3.61 29.79 -12.92
C LEU B 349 5.10 30.00 -12.97
N LYS B 350 5.67 30.07 -14.16
CA LYS B 350 7.11 30.31 -14.29
C LYS B 350 7.49 31.67 -13.64
N GLU B 351 6.75 32.70 -14.00
CA GLU B 351 7.04 34.03 -13.42
C GLU B 351 6.95 34.01 -11.89
N ILE B 352 6.00 33.26 -11.34
CA ILE B 352 5.87 33.18 -9.91
C ILE B 352 6.98 32.32 -9.33
N GLN B 353 7.09 31.11 -9.84
CA GLN B 353 8.09 30.22 -9.25
C GLN B 353 9.54 30.68 -9.35
N TYR B 354 9.95 31.27 -10.47
CA TYR B 354 11.33 31.73 -10.55
C TYR B 354 11.62 33.18 -10.05
N GLY B 355 10.73 33.66 -9.18
CA GLY B 355 10.88 34.98 -8.56
C GLY B 355 10.83 36.23 -9.41
N ILE B 356 10.34 36.16 -10.65
CA ILE B 356 10.35 37.37 -11.44
C ILE B 356 9.22 38.31 -11.02
N ARG B 357 8.24 37.76 -10.31
CA ARG B 357 7.18 38.61 -9.80
C ARG B 357 6.84 38.08 -8.43
N ALA B 358 6.92 38.97 -7.44
CA ALA B 358 6.63 38.64 -6.05
C ALA B 358 5.26 37.98 -5.89
N HIS B 359 5.13 37.07 -4.93
CA HIS B 359 3.86 36.36 -4.74
C HIS B 359 3.92 35.57 -3.44
N GLU B 360 2.86 35.68 -2.68
CA GLU B 360 2.74 35.04 -1.39
C GLU B 360 2.81 33.51 -1.48
N TRP B 361 2.64 32.96 -2.68
CA TRP B 361 2.71 31.49 -2.85
C TRP B 361 4.13 30.96 -2.65
N MET B 362 5.14 31.81 -2.87
CA MET B 362 6.52 31.39 -2.72
C MET B 362 7.06 31.51 -1.29
N PHE B 363 7.91 30.55 -0.91
CA PHE B 363 8.52 30.47 0.43
C PHE B 363 10.02 30.55 0.22
N PRO B 364 10.65 31.61 0.72
CA PRO B 364 12.07 31.86 0.60
C PRO B 364 13.12 30.89 1.14
N VAL B 365 14.09 30.64 0.26
CA VAL B 365 15.26 29.77 0.46
C VAL B 365 14.95 28.47 1.10
#